data_5FXE
#
_entry.id   5FXE
#
_cell.length_a   57.470
_cell.length_b   97.170
_cell.length_c   179.050
_cell.angle_alpha   90.00
_cell.angle_beta   90.00
_cell.angle_gamma   90.00
#
_symmetry.space_group_name_H-M   'P 21 21 21'
#
loop_
_entity.id
_entity.type
_entity.pdbx_description
1 polymer 'EUGENOL OXIDASE'
2 non-polymer 'FLAVIN-ADENINE DINUCLEOTIDE'
3 non-polymer (2E)-3-(4-hydroxy-3-methoxyphenyl)prop-2-enal
4 non-polymer GLYCEROL
5 water water
#
_entity_poly.entity_id   1
_entity_poly.type   'polypeptide(L)'
_entity_poly.pdbx_seq_one_letter_code
;MTRTLPPGVSDERFDAALQRFRDVVGDKWVLSTADELEAFRDPYPVGAAEANLPSAVVSPESTEQVQDIVRIANEYGIPL
SPVSTGKNNGYGGAAPRLSGSVIVKTGERMNRILEVNEKYGYALLEPGVTYFDLYEYLQSHDSGLMLDCPDLGWGSVVGN
TLDRGVGYTPYGDHFMWQTGLEVVLPQGEVMRTGMGALPGSDAWQLFPYGFGPFPDGMFTQSNLGIVTKMGIALMQRPPA
SQSFLITFDKEEDLEQIVDIMLPLRINMAPLQNVPVLRNIFMDAAAVSKRTEWFDGDGPMPAEAIERMKKDLDLGFWNFY
GTLYGPPPLIEMYYGMIKEAFGKIPGARFFTHEERDDRGGHVLQDRHKINNGIPSLDELQLLDWVPNGGHIGFSPVSAPD
GREAMKQFEMVRNRANEYNKDYAAQFIIGLREMHHVCLFIYDTAIPEAREEILQMTKVLVREAAEAGYGEYRTHNALMDD
VMATFNWGDGALLKFHEKIKDALDPNGIIAPGKSGIWSQRFRGQNL
;
_entity_poly.pdbx_strand_id   A,B
#
loop_
_chem_comp.id
_chem_comp.type
_chem_comp.name
_chem_comp.formula
CIY non-polymer (2E)-3-(4-hydroxy-3-methoxyphenyl)prop-2-enal 'C10 H10 O3'
FAD non-polymer 'FLAVIN-ADENINE DINUCLEOTIDE' 'C27 H33 N9 O15 P2'
GOL non-polymer GLYCEROL 'C3 H8 O3'
#
# COMPACT_ATOMS: atom_id res chain seq x y z
N THR A 2 -42.87 -7.97 -11.18
CA THR A 2 -43.37 -6.69 -10.60
C THR A 2 -42.17 -5.77 -10.25
N ARG A 3 -42.45 -4.75 -9.47
CA ARG A 3 -41.48 -3.84 -8.96
C ARG A 3 -40.40 -4.56 -8.18
N THR A 4 -39.15 -4.23 -8.44
CA THR A 4 -38.05 -4.68 -7.58
C THR A 4 -38.04 -3.78 -6.36
N LEU A 5 -38.09 -4.37 -5.19
CA LEU A 5 -38.16 -3.60 -3.95
C LEU A 5 -37.01 -4.04 -3.08
N PRO A 6 -36.52 -3.17 -2.19
CA PRO A 6 -35.50 -3.58 -1.22
C PRO A 6 -36.05 -4.70 -0.28
N PRO A 7 -35.24 -5.70 0.06
CA PRO A 7 -35.77 -6.79 0.94
C PRO A 7 -36.36 -6.28 2.25
N GLY A 8 -37.55 -6.80 2.57
CA GLY A 8 -38.24 -6.44 3.78
C GLY A 8 -38.84 -5.03 3.72
N VAL A 9 -38.86 -4.37 2.56
CA VAL A 9 -39.35 -2.99 2.49
C VAL A 9 -40.60 -2.99 1.63
N SER A 10 -41.66 -2.39 2.16
CA SER A 10 -42.95 -2.38 1.46
C SER A 10 -42.96 -1.34 0.33
N ASP A 11 -43.87 -1.52 -0.62
CA ASP A 11 -44.13 -0.49 -1.65
C ASP A 11 -44.29 0.89 -1.05
N GLU A 12 -45.06 0.96 0.03
CA GLU A 12 -45.43 2.22 0.65
C GLU A 12 -44.19 2.86 1.30
N ARG A 13 -43.43 2.10 2.06
CA ARG A 13 -42.17 2.65 2.59
C ARG A 13 -41.08 3.00 1.51
N PHE A 14 -40.99 2.20 0.46
CA PHE A 14 -40.05 2.49 -0.63
C PHE A 14 -40.40 3.78 -1.36
N ASP A 15 -41.70 3.99 -1.59
CA ASP A 15 -42.21 5.24 -2.16
C ASP A 15 -41.90 6.41 -1.34
N ALA A 16 -42.02 6.27 -0.01
CA ALA A 16 -41.66 7.33 0.88
C ALA A 16 -40.14 7.66 0.82
N ALA A 17 -39.33 6.59 0.81
CA ALA A 17 -37.87 6.70 0.78
C ALA A 17 -37.44 7.38 -0.53
N LEU A 18 -38.05 6.98 -1.64
CA LEU A 18 -37.77 7.60 -2.96
C LEU A 18 -38.03 9.10 -2.94
N GLN A 19 -39.16 9.51 -2.35
CA GLN A 19 -39.45 10.91 -2.29
C GLN A 19 -38.43 11.63 -1.49
N ARG A 20 -37.95 11.02 -0.39
CA ARG A 20 -36.98 11.66 0.41
C ARG A 20 -35.66 11.80 -0.36
N PHE A 21 -35.29 10.79 -1.11
CA PHE A 21 -34.11 10.86 -2.01
C PHE A 21 -34.29 12.02 -2.99
N ARG A 22 -35.51 12.18 -3.52
CA ARG A 22 -35.80 13.31 -4.41
C ARG A 22 -35.68 14.67 -3.75
N ASP A 23 -36.03 14.76 -2.47
CA ASP A 23 -35.85 15.98 -1.70
C ASP A 23 -34.39 16.39 -1.67
N VAL A 24 -33.51 15.40 -1.57
CA VAL A 24 -32.07 15.65 -1.46
C VAL A 24 -31.48 16.06 -2.80
N VAL A 25 -31.71 15.24 -3.81
CA VAL A 25 -30.96 15.41 -5.11
C VAL A 25 -31.69 16.09 -6.23
N GLY A 26 -32.98 16.17 -6.11
CA GLY A 26 -33.82 16.62 -7.20
C GLY A 26 -34.58 15.46 -7.83
N ASP A 27 -35.83 15.74 -8.19
CA ASP A 27 -36.66 14.81 -8.95
C ASP A 27 -36.02 14.15 -10.16
N LYS A 28 -35.32 14.93 -10.95
CA LYS A 28 -34.69 14.43 -12.20
C LYS A 28 -33.58 13.41 -11.93
N TRP A 29 -33.06 13.39 -10.69
CA TRP A 29 -31.85 12.65 -10.37
C TRP A 29 -32.08 11.39 -9.53
N VAL A 30 -33.33 10.91 -9.53
CA VAL A 30 -33.73 9.66 -8.97
C VAL A 30 -34.48 8.91 -10.07
N LEU A 31 -33.99 7.73 -10.38
CA LEU A 31 -34.61 6.90 -11.40
C LEU A 31 -35.20 5.71 -10.72
N SER A 32 -36.44 5.41 -11.08
CA SER A 32 -37.16 4.28 -10.51
C SER A 32 -38.13 3.48 -11.41
N THR A 33 -38.26 3.76 -12.69
CA THR A 33 -39.13 2.97 -13.54
C THR A 33 -38.33 1.83 -14.14
N ALA A 34 -38.99 0.76 -14.51
CA ALA A 34 -38.33 -0.39 -15.12
C ALA A 34 -37.62 -0.04 -16.40
N ASP A 35 -38.19 0.90 -17.14
CA ASP A 35 -37.56 1.41 -18.34
C ASP A 35 -36.25 2.12 -18.00
N GLU A 36 -36.31 3.04 -17.05
CA GLU A 36 -35.11 3.79 -16.69
C GLU A 36 -33.99 2.87 -16.12
N LEU A 37 -34.39 1.77 -15.47
CA LEU A 37 -33.45 0.94 -14.76
C LEU A 37 -32.82 -0.10 -15.62
N GLU A 38 -33.36 -0.32 -16.83
CA GLU A 38 -32.83 -1.35 -17.75
C GLU A 38 -31.40 -1.07 -18.08
N ALA A 39 -31.05 0.19 -18.16
CA ALA A 39 -29.70 0.58 -18.47
C ALA A 39 -28.70 0.24 -17.37
N PHE A 40 -29.19 -0.08 -16.17
CA PHE A 40 -28.36 -0.38 -15.01
C PHE A 40 -28.33 -1.84 -14.68
N ARG A 41 -28.94 -2.64 -15.52
CA ARG A 41 -28.78 -4.10 -15.44
C ARG A 41 -27.36 -4.47 -15.86
N ASP A 42 -26.83 -5.58 -15.34
CA ASP A 42 -25.58 -6.14 -15.87
C ASP A 42 -25.65 -6.24 -17.40
N PRO A 43 -24.73 -5.55 -18.14
CA PRO A 43 -24.83 -5.68 -19.62
C PRO A 43 -24.35 -7.06 -20.07
N TYR A 44 -23.59 -7.77 -19.24
CA TYR A 44 -23.05 -9.10 -19.60
C TYR A 44 -23.62 -10.07 -18.58
N PRO A 45 -24.95 -10.35 -18.66
CA PRO A 45 -25.56 -11.11 -17.58
C PRO A 45 -25.04 -12.52 -17.49
N VAL A 46 -24.99 -13.01 -16.27
CA VAL A 46 -24.42 -14.29 -15.96
C VAL A 46 -25.56 -15.07 -15.27
N GLY A 47 -25.72 -16.34 -15.59
CA GLY A 47 -26.77 -17.17 -15.01
C GLY A 47 -28.02 -17.01 -15.88
N ALA A 48 -28.77 -18.08 -16.01
CA ALA A 48 -30.02 -18.04 -16.81
C ALA A 48 -31.00 -17.14 -16.11
N ALA A 49 -31.23 -17.34 -14.83
CA ALA A 49 -32.19 -16.58 -14.02
C ALA A 49 -31.79 -15.14 -13.82
N GLU A 50 -32.75 -14.26 -13.73
CA GLU A 50 -32.48 -12.87 -13.47
C GLU A 50 -31.80 -12.68 -12.16
N ALA A 51 -30.91 -11.71 -12.08
CA ALA A 51 -30.28 -11.41 -10.82
C ALA A 51 -29.78 -9.96 -10.81
N ASN A 52 -29.34 -9.50 -9.65
CA ASN A 52 -28.68 -8.20 -9.54
C ASN A 52 -29.55 -7.06 -10.09
N LEU A 53 -30.79 -6.99 -9.58
CA LEU A 53 -31.73 -5.99 -10.03
C LEU A 53 -31.75 -4.79 -9.08
N PRO A 54 -31.42 -3.58 -9.58
CA PRO A 54 -31.57 -2.38 -8.78
C PRO A 54 -33.04 -2.00 -8.55
N SER A 55 -33.36 -1.40 -7.44
CA SER A 55 -34.66 -0.84 -7.20
C SER A 55 -34.74 0.61 -7.64
N ALA A 56 -33.60 1.29 -7.70
CA ALA A 56 -33.54 2.65 -8.14
C ALA A 56 -32.12 3.12 -8.31
N VAL A 57 -31.96 4.32 -8.81
CA VAL A 57 -30.65 4.94 -9.01
C VAL A 57 -30.80 6.36 -8.52
N VAL A 58 -29.86 6.79 -7.68
CA VAL A 58 -29.82 8.15 -7.18
C VAL A 58 -28.48 8.72 -7.59
N SER A 59 -28.48 9.96 -8.06
CA SER A 59 -27.30 10.63 -8.53
C SER A 59 -27.05 11.90 -7.75
N PRO A 60 -26.18 11.85 -6.73
CA PRO A 60 -25.96 13.01 -5.94
C PRO A 60 -24.97 13.96 -6.56
N GLU A 61 -25.06 15.21 -6.13
CA GLU A 61 -24.23 16.28 -6.65
C GLU A 61 -23.00 16.55 -5.80
N SER A 62 -23.01 16.09 -4.54
CA SER A 62 -22.00 16.55 -3.58
C SER A 62 -21.86 15.55 -2.47
N THR A 63 -20.77 15.66 -1.73
CA THR A 63 -20.54 14.81 -0.53
C THR A 63 -21.70 14.96 0.46
N GLU A 64 -22.18 16.20 0.60
CA GLU A 64 -23.26 16.49 1.54
C GLU A 64 -24.52 15.76 1.13
N GLN A 65 -24.80 15.71 -0.15
CA GLN A 65 -25.96 14.92 -0.59
C GLN A 65 -25.77 13.42 -0.39
N VAL A 66 -24.54 12.94 -0.59
CA VAL A 66 -24.20 11.56 -0.31
C VAL A 66 -24.51 11.24 1.21
N GLN A 67 -24.07 12.09 2.11
CA GLN A 67 -24.36 11.94 3.54
C GLN A 67 -25.88 11.84 3.82
N ASP A 68 -26.61 12.75 3.21
CA ASP A 68 -28.07 12.82 3.38
C ASP A 68 -28.74 11.60 2.88
N ILE A 69 -28.33 11.12 1.70
CA ILE A 69 -28.82 9.85 1.16
C ILE A 69 -28.57 8.66 2.10
N VAL A 70 -27.33 8.59 2.63
CA VAL A 70 -26.97 7.51 3.52
C VAL A 70 -27.84 7.56 4.80
N ARG A 71 -28.05 8.73 5.32
CA ARG A 71 -28.90 8.92 6.49
C ARG A 71 -30.28 8.41 6.20
N ILE A 72 -30.83 8.75 5.04
CA ILE A 72 -32.18 8.33 4.68
C ILE A 72 -32.24 6.81 4.59
N ALA A 73 -31.22 6.22 3.96
CA ALA A 73 -31.26 4.82 3.72
C ALA A 73 -31.14 4.07 5.10
N ASN A 74 -30.38 4.63 6.03
CA ASN A 74 -30.35 4.08 7.42
C ASN A 74 -31.72 4.07 8.07
N GLU A 75 -32.40 5.20 8.00
CA GLU A 75 -33.74 5.35 8.56
C GLU A 75 -34.70 4.38 7.94
N TYR A 76 -34.63 4.12 6.62
CA TYR A 76 -35.62 3.28 5.99
C TYR A 76 -35.20 1.88 5.80
N GLY A 77 -33.94 1.54 6.11
CA GLY A 77 -33.45 0.21 5.89
C GLY A 77 -33.27 -0.15 4.42
N ILE A 78 -32.87 0.82 3.59
CA ILE A 78 -32.75 0.63 2.14
C ILE A 78 -31.26 0.37 1.87
N PRO A 79 -30.92 -0.75 1.28
CA PRO A 79 -29.52 -0.94 0.85
C PRO A 79 -29.08 -0.07 -0.35
N LEU A 80 -27.84 0.42 -0.27
CA LEU A 80 -27.23 1.32 -1.22
C LEU A 80 -26.00 0.69 -1.80
N SER A 81 -25.87 0.77 -3.13
CA SER A 81 -24.75 0.20 -3.82
C SER A 81 -24.03 1.31 -4.61
N PRO A 82 -22.94 1.82 -4.06
CA PRO A 82 -22.29 2.90 -4.71
C PRO A 82 -21.43 2.48 -5.92
N VAL A 83 -21.53 3.27 -6.97
CA VAL A 83 -20.64 3.14 -8.10
C VAL A 83 -20.09 4.52 -8.44
N SER A 84 -19.05 4.54 -9.31
CA SER A 84 -18.46 5.79 -9.76
C SER A 84 -19.10 6.01 -11.15
N THR A 85 -18.60 5.39 -12.18
CA THR A 85 -19.23 5.45 -13.50
C THR A 85 -20.04 4.16 -13.84
N GLY A 86 -19.92 3.13 -13.01
CA GLY A 86 -20.66 1.92 -13.23
C GLY A 86 -20.36 1.17 -14.53
N LYS A 87 -19.10 1.15 -14.90
CA LYS A 87 -18.64 0.42 -16.08
C LYS A 87 -17.85 -0.80 -15.72
N ASN A 88 -18.18 -1.45 -14.60
CA ASN A 88 -17.45 -2.64 -14.15
C ASN A 88 -17.86 -3.89 -14.90
N ASN A 89 -17.87 -3.76 -16.22
CA ASN A 89 -18.27 -4.82 -17.12
C ASN A 89 -17.30 -5.95 -17.08
N GLY A 90 -17.87 -7.13 -16.94
CA GLY A 90 -17.10 -8.33 -16.74
C GLY A 90 -17.27 -8.79 -15.31
N TYR A 91 -17.64 -7.87 -14.45
CA TYR A 91 -17.78 -8.15 -13.02
C TYR A 91 -19.13 -7.78 -12.47
N GLY A 92 -20.00 -7.36 -13.38
CA GLY A 92 -21.33 -6.96 -12.97
C GLY A 92 -21.86 -5.67 -13.47
N GLY A 93 -21.02 -4.84 -14.11
CA GLY A 93 -21.50 -3.57 -14.66
C GLY A 93 -21.82 -2.65 -13.49
N ALA A 94 -22.97 -2.00 -13.52
CA ALA A 94 -23.36 -1.16 -12.43
C ALA A 94 -24.34 -1.90 -11.50
N ALA A 95 -24.60 -3.19 -11.75
CA ALA A 95 -25.70 -3.88 -11.11
C ALA A 95 -25.28 -4.23 -9.69
N PRO A 96 -26.20 -4.12 -8.73
CA PRO A 96 -25.84 -4.41 -7.35
C PRO A 96 -25.78 -5.91 -7.03
N ARG A 97 -24.88 -6.30 -6.14
CA ARG A 97 -24.80 -7.66 -5.66
C ARG A 97 -26.18 -8.12 -5.10
N LEU A 98 -26.76 -7.30 -4.25
CA LEU A 98 -28.06 -7.57 -3.70
C LEU A 98 -29.21 -6.95 -4.49
N SER A 99 -30.10 -7.78 -5.02
CA SER A 99 -31.29 -7.25 -5.72
C SER A 99 -32.13 -6.44 -4.80
N GLY A 100 -32.66 -5.33 -5.32
CA GLY A 100 -33.38 -4.39 -4.50
C GLY A 100 -32.62 -3.24 -3.99
N SER A 101 -31.29 -3.30 -4.12
CA SER A 101 -30.51 -2.16 -3.69
C SER A 101 -30.74 -0.98 -4.57
N VAL A 102 -30.55 0.18 -4.00
CA VAL A 102 -30.47 1.43 -4.72
C VAL A 102 -29.04 1.72 -5.16
N ILE A 103 -28.84 1.95 -6.43
CA ILE A 103 -27.49 2.35 -6.89
C ILE A 103 -27.29 3.85 -6.59
N VAL A 104 -26.16 4.17 -6.00
CA VAL A 104 -25.75 5.53 -5.85
C VAL A 104 -24.67 5.82 -6.87
N LYS A 105 -25.07 6.47 -7.98
CA LYS A 105 -24.19 6.68 -9.04
C LYS A 105 -23.51 8.00 -8.75
N THR A 106 -22.38 7.93 -8.05
CA THR A 106 -21.69 9.14 -7.62
C THR A 106 -21.12 9.88 -8.84
N GLY A 107 -20.72 9.18 -9.87
CA GLY A 107 -19.98 9.81 -10.97
C GLY A 107 -20.79 10.64 -11.96
N GLU A 108 -22.11 10.51 -11.93
CA GLU A 108 -23.00 11.20 -12.87
C GLU A 108 -22.83 12.74 -12.74
N ARG A 109 -22.87 13.25 -11.50
CA ARG A 109 -22.71 14.66 -11.21
C ARG A 109 -21.48 15.03 -10.41
N MET A 110 -20.91 14.10 -9.65
CA MET A 110 -19.62 14.38 -8.95
C MET A 110 -18.50 13.96 -9.90
N ASN A 111 -18.21 14.84 -10.82
CA ASN A 111 -17.32 14.51 -11.93
C ASN A 111 -16.23 15.55 -12.18
N ARG A 112 -15.87 16.28 -11.15
CA ARG A 112 -14.81 17.31 -11.27
C ARG A 112 -13.43 16.78 -11.07
N ILE A 113 -12.52 17.32 -11.87
CA ILE A 113 -11.11 17.32 -11.58
C ILE A 113 -10.82 18.43 -10.56
N LEU A 114 -10.56 18.09 -9.30
CA LEU A 114 -10.41 19.09 -8.27
C LEU A 114 -9.05 19.73 -8.33
N GLU A 115 -7.99 18.99 -8.65
CA GLU A 115 -6.65 19.53 -8.71
C GLU A 115 -5.82 18.56 -9.54
N VAL A 116 -4.97 19.11 -10.41
CA VAL A 116 -3.89 18.38 -11.03
C VAL A 116 -2.66 19.22 -10.70
N ASN A 117 -1.74 18.66 -9.97
CA ASN A 117 -0.57 19.37 -9.54
C ASN A 117 0.61 18.91 -10.35
N GLU A 118 1.07 19.79 -11.20
CA GLU A 118 2.21 19.54 -12.11
C GLU A 118 3.52 19.32 -11.38
N LYS A 119 3.75 20.08 -10.29
CA LYS A 119 5.03 20.08 -9.63
C LYS A 119 5.22 18.78 -8.88
N TYR A 120 4.20 18.32 -8.14
CA TYR A 120 4.29 17.08 -7.38
C TYR A 120 3.70 15.83 -8.05
N GLY A 121 3.10 15.99 -9.21
CA GLY A 121 2.64 14.92 -10.01
C GLY A 121 1.53 14.15 -9.38
N TYR A 122 0.43 14.82 -9.18
CA TYR A 122 -0.79 14.16 -8.71
C TYR A 122 -2.08 14.81 -9.16
N ALA A 123 -3.17 14.05 -9.05
CA ALA A 123 -4.51 14.56 -9.21
C ALA A 123 -5.35 14.25 -8.00
N LEU A 124 -6.28 15.14 -7.72
CA LEU A 124 -7.33 14.94 -6.77
C LEU A 124 -8.64 14.93 -7.59
N LEU A 125 -9.40 13.83 -7.50
CA LEU A 125 -10.51 13.55 -8.41
C LEU A 125 -11.79 13.20 -7.71
N GLU A 126 -12.91 13.61 -8.30
CA GLU A 126 -14.17 13.06 -7.91
C GLU A 126 -14.42 11.78 -8.71
N PRO A 127 -15.43 11.01 -8.29
CA PRO A 127 -15.64 9.70 -8.93
C PRO A 127 -16.01 9.67 -10.44
N GLY A 128 -16.69 10.69 -10.93
CA GLY A 128 -17.07 10.74 -12.31
C GLY A 128 -16.03 11.12 -13.34
N VAL A 129 -14.79 11.39 -12.92
CA VAL A 129 -13.75 11.67 -13.86
C VAL A 129 -13.36 10.34 -14.52
N THR A 130 -13.56 10.26 -15.84
CA THR A 130 -13.08 9.11 -16.60
C THR A 130 -11.68 9.29 -17.03
N TYR A 131 -11.12 8.21 -17.52
CA TYR A 131 -9.78 8.27 -18.05
C TYR A 131 -9.73 9.22 -19.24
N PHE A 132 -10.73 9.12 -20.11
CA PHE A 132 -10.88 10.11 -21.19
C PHE A 132 -10.88 11.54 -20.66
N ASP A 133 -11.65 11.83 -19.62
CA ASP A 133 -11.76 13.21 -19.09
C ASP A 133 -10.38 13.70 -18.55
N LEU A 134 -9.70 12.85 -17.82
CA LEU A 134 -8.38 13.22 -17.34
C LEU A 134 -7.41 13.36 -18.46
N TYR A 135 -7.42 12.46 -19.43
CA TYR A 135 -6.52 12.62 -20.58
C TYR A 135 -6.73 13.97 -21.24
N GLU A 136 -8.00 14.30 -21.46
CA GLU A 136 -8.37 15.58 -22.08
C GLU A 136 -7.83 16.79 -21.29
N TYR A 137 -8.02 16.77 -19.99
CA TYR A 137 -7.53 17.83 -19.17
C TYR A 137 -5.98 17.96 -19.36
N LEU A 138 -5.26 16.85 -19.30
CA LEU A 138 -3.81 16.84 -19.36
C LEU A 138 -3.30 17.39 -20.71
N GLN A 139 -3.93 16.95 -21.75
CA GLN A 139 -3.73 17.47 -23.10
C GLN A 139 -4.02 18.94 -23.23
N SER A 140 -5.18 19.38 -22.79
CA SER A 140 -5.57 20.78 -22.86
C SER A 140 -4.64 21.71 -22.13
N HIS A 141 -4.00 21.23 -21.05
CA HIS A 141 -3.16 22.07 -20.23
C HIS A 141 -1.73 21.83 -20.54
N ASP A 142 -1.44 21.06 -21.58
CA ASP A 142 -0.09 20.78 -21.98
C ASP A 142 0.78 20.18 -20.85
N SER A 143 0.21 19.21 -20.11
CA SER A 143 0.84 18.71 -18.92
C SER A 143 2.07 17.89 -19.28
N GLY A 144 3.06 17.88 -18.42
CA GLY A 144 4.13 16.91 -18.52
C GLY A 144 3.81 15.56 -17.86
N LEU A 145 2.58 15.37 -17.37
CA LEU A 145 2.18 14.11 -16.66
C LEU A 145 1.44 13.21 -17.60
N MET A 146 1.42 11.91 -17.30
CA MET A 146 0.62 10.97 -18.04
C MET A 146 -0.22 10.20 -17.07
N LEU A 147 -1.35 9.73 -17.55
CA LEU A 147 -2.17 8.95 -16.68
C LEU A 147 -1.86 7.50 -16.92
N ASP A 148 -2.41 6.65 -16.07
CA ASP A 148 -2.32 5.21 -16.28
C ASP A 148 -3.74 4.62 -16.45
N CYS A 149 -4.05 4.01 -17.60
CA CYS A 149 -5.43 3.60 -17.84
C CYS A 149 -5.57 2.10 -18.04
N PRO A 150 -6.77 1.56 -17.76
CA PRO A 150 -7.06 0.25 -18.18
C PRO A 150 -7.29 0.20 -19.69
N ASP A 151 -7.59 -0.96 -20.18
CA ASP A 151 -7.92 -1.22 -21.58
C ASP A 151 -9.03 -0.38 -22.17
N LEU A 152 -10.04 -0.06 -21.38
CA LEU A 152 -11.10 0.87 -21.79
C LEU A 152 -11.11 2.18 -21.02
N GLY A 153 -11.18 3.31 -21.74
CA GLY A 153 -11.04 4.59 -21.09
C GLY A 153 -12.28 5.20 -20.54
N TRP A 154 -13.41 4.50 -20.73
CA TRP A 154 -14.67 5.04 -20.26
C TRP A 154 -14.99 4.85 -18.76
N GLY A 155 -14.18 4.08 -18.06
CA GLY A 155 -14.32 3.90 -16.61
C GLY A 155 -13.76 5.09 -15.84
N SER A 156 -13.82 4.94 -14.53
CA SER A 156 -13.50 5.96 -13.62
C SER A 156 -12.10 5.72 -13.03
N VAL A 157 -11.30 6.77 -12.93
CA VAL A 157 -9.99 6.67 -12.28
C VAL A 157 -10.25 6.18 -10.84
N VAL A 158 -11.29 6.72 -10.18
CA VAL A 158 -11.60 6.39 -8.82
C VAL A 158 -12.17 5.00 -8.71
N GLY A 159 -13.22 4.73 -9.49
CA GLY A 159 -13.96 3.45 -9.48
C GLY A 159 -13.07 2.27 -9.75
N ASN A 160 -12.21 2.46 -10.71
CA ASN A 160 -11.31 1.41 -11.06
C ASN A 160 -10.37 1.12 -9.93
N THR A 161 -9.76 2.16 -9.38
CA THR A 161 -8.91 2.00 -8.22
C THR A 161 -9.57 1.34 -7.02
N LEU A 162 -10.83 1.65 -6.78
CA LEU A 162 -11.58 1.06 -5.68
C LEU A 162 -11.89 -0.43 -5.91
N ASP A 163 -11.88 -0.92 -7.14
CA ASP A 163 -11.95 -2.38 -7.31
C ASP A 163 -10.54 -3.00 -7.46
N ARG A 164 -9.46 -2.24 -7.18
CA ARG A 164 -8.03 -2.63 -7.37
C ARG A 164 -7.75 -3.09 -8.80
N GLY A 165 -8.28 -2.31 -9.71
CA GLY A 165 -8.06 -2.48 -11.14
C GLY A 165 -6.64 -2.19 -11.55
N VAL A 166 -6.34 -2.47 -12.79
CA VAL A 166 -4.96 -2.41 -13.24
C VAL A 166 -4.86 -1.74 -14.56
N GLY A 167 -3.69 -1.13 -14.75
CA GLY A 167 -3.30 -0.66 -16.10
C GLY A 167 -1.89 -1.03 -16.35
N TYR A 168 -1.23 -0.38 -17.30
CA TYR A 168 -0.09 -0.96 -17.98
C TYR A 168 1.20 -0.14 -18.10
N THR A 169 1.22 1.06 -17.57
CA THR A 169 2.44 1.85 -17.47
C THR A 169 3.16 1.42 -16.20
N PRO A 170 4.31 2.03 -15.90
CA PRO A 170 4.91 1.75 -14.62
C PRO A 170 4.06 2.13 -13.43
N TYR A 171 3.06 2.96 -13.61
CA TYR A 171 2.09 3.22 -12.53
C TYR A 171 0.81 2.32 -12.65
N GLY A 172 0.94 1.12 -13.19
CA GLY A 172 -0.21 0.22 -13.51
C GLY A 172 -0.95 -0.33 -12.30
N ASP A 173 -0.30 -0.47 -11.16
CA ASP A 173 -1.02 -0.83 -9.92
C ASP A 173 -1.75 0.38 -9.33
N HIS A 174 -3.04 0.57 -9.68
CA HIS A 174 -3.71 1.81 -9.35
C HIS A 174 -3.81 2.06 -7.86
N PHE A 175 -4.15 1.01 -7.14
CA PHE A 175 -4.21 1.15 -5.70
C PHE A 175 -2.91 1.61 -5.09
N MET A 176 -1.76 1.10 -5.57
CA MET A 176 -0.43 1.55 -5.07
C MET A 176 -0.28 3.06 -5.13
N TRP A 177 -0.73 3.67 -6.23
CA TRP A 177 -0.53 5.11 -6.42
C TRP A 177 -1.62 6.00 -5.86
N GLN A 178 -2.73 5.40 -5.39
CA GLN A 178 -3.78 6.10 -4.72
C GLN A 178 -3.21 6.76 -3.47
N THR A 179 -3.57 8.03 -3.26
CA THR A 179 -2.98 8.79 -2.18
C THR A 179 -4.04 9.70 -1.65
N GLY A 180 -4.53 9.37 -0.46
CA GLY A 180 -5.64 10.09 0.15
C GLY A 180 -7.02 9.80 -0.39
N LEU A 181 -7.98 9.80 0.51
CA LEU A 181 -9.37 9.74 0.11
C LEU A 181 -10.35 10.35 1.05
N GLU A 182 -11.52 10.67 0.56
CA GLU A 182 -12.65 11.10 1.39
C GLU A 182 -13.76 10.09 1.20
N VAL A 183 -14.38 9.70 2.29
CA VAL A 183 -15.36 8.69 2.27
C VAL A 183 -16.49 9.02 3.21
N VAL A 184 -17.72 8.79 2.77
CA VAL A 184 -18.87 8.84 3.64
C VAL A 184 -19.09 7.46 4.24
N LEU A 185 -18.97 7.35 5.57
CA LEU A 185 -19.11 6.06 6.29
C LEU A 185 -20.57 5.59 6.34
N PRO A 186 -20.83 4.31 6.75
CA PRO A 186 -22.15 3.80 6.52
C PRO A 186 -23.29 4.41 7.28
N GLN A 187 -23.00 5.23 8.29
CA GLN A 187 -24.07 5.95 9.00
C GLN A 187 -24.06 7.45 8.69
N GLY A 188 -23.26 7.89 7.72
CA GLY A 188 -23.41 9.26 7.22
C GLY A 188 -22.29 10.23 7.56
N GLU A 189 -21.30 9.81 8.35
CA GLU A 189 -20.24 10.64 8.84
C GLU A 189 -19.21 10.72 7.71
N VAL A 190 -18.58 11.86 7.50
CA VAL A 190 -17.55 11.98 6.46
C VAL A 190 -16.14 11.93 7.10
N MET A 191 -15.21 11.25 6.42
CA MET A 191 -13.85 11.10 6.87
C MET A 191 -12.89 11.30 5.72
N ARG A 192 -11.75 11.91 6.05
CA ARG A 192 -10.61 11.92 5.18
C ARG A 192 -9.45 11.10 5.74
N THR A 193 -8.75 10.41 4.86
CA THR A 193 -7.63 9.54 5.23
C THR A 193 -6.29 10.27 5.05
N GLY A 194 -5.26 9.67 5.64
CA GLY A 194 -3.92 10.12 5.54
C GLY A 194 -3.73 11.56 6.06
N MET A 195 -2.97 12.34 5.30
CA MET A 195 -2.67 13.67 5.67
C MET A 195 -3.87 14.54 5.50
N GLY A 196 -4.90 14.08 4.78
CA GLY A 196 -6.18 14.83 4.70
C GLY A 196 -6.97 15.00 6.01
N ALA A 197 -6.67 14.15 6.95
CA ALA A 197 -7.23 14.25 8.29
C ALA A 197 -6.61 15.40 9.14
N LEU A 198 -5.55 15.99 8.65
CA LEU A 198 -4.91 17.13 9.32
C LEU A 198 -5.33 18.43 8.66
N PRO A 199 -6.18 19.26 9.35
CA PRO A 199 -6.72 20.44 8.67
C PRO A 199 -5.62 21.34 8.14
N GLY A 200 -5.82 21.81 6.91
CA GLY A 200 -4.85 22.64 6.26
C GLY A 200 -3.64 21.94 5.66
N SER A 201 -3.47 20.61 5.76
CA SER A 201 -2.28 19.96 5.22
C SER A 201 -2.28 20.13 3.69
N ASP A 202 -1.13 20.38 3.07
CA ASP A 202 -1.02 20.33 1.63
C ASP A 202 -0.48 18.93 1.15
N ALA A 203 -0.43 17.97 2.07
CA ALA A 203 0.29 16.69 1.82
C ALA A 203 -0.65 15.49 1.58
N TRP A 204 -1.96 15.76 1.43
CA TRP A 204 -2.98 14.72 1.21
C TRP A 204 -2.62 13.75 0.06
N GLN A 205 -2.13 14.31 -1.02
CA GLN A 205 -1.69 13.59 -2.19
C GLN A 205 -0.19 13.39 -2.24
N LEU A 206 0.51 13.66 -1.13
CA LEU A 206 1.95 13.54 -1.11
C LEU A 206 2.45 12.40 -0.26
N PHE A 207 1.80 12.20 0.87
CA PHE A 207 2.20 11.18 1.83
C PHE A 207 0.95 10.37 2.19
N PRO A 208 0.89 9.10 1.77
CA PRO A 208 -0.38 8.35 1.85
C PRO A 208 -0.82 7.94 3.24
N TYR A 209 0.14 7.76 4.15
CA TYR A 209 -0.19 7.05 5.37
C TYR A 209 -0.76 7.89 6.49
N GLY A 210 -0.44 9.15 6.57
CA GLY A 210 -0.76 9.90 7.79
C GLY A 210 -0.20 9.27 9.04
N PHE A 211 -1.00 9.28 10.07
CA PHE A 211 -0.65 8.82 11.41
C PHE A 211 -1.66 7.82 11.88
N GLY A 212 -1.16 6.79 12.58
CA GLY A 212 -2.00 5.74 13.10
C GLY A 212 -2.32 4.71 12.06
N PRO A 213 -3.25 3.79 12.36
CA PRO A 213 -3.53 2.68 11.44
C PRO A 213 -3.96 3.19 10.07
N PHE A 214 -3.48 2.54 9.03
CA PHE A 214 -3.65 3.09 7.70
C PHE A 214 -4.88 2.39 7.06
N PRO A 215 -5.95 3.12 6.80
CA PRO A 215 -7.20 2.45 6.46
C PRO A 215 -7.58 2.40 5.00
N ASP A 216 -6.85 3.10 4.11
CA ASP A 216 -7.37 3.25 2.71
C ASP A 216 -7.71 1.95 1.97
N GLY A 217 -6.94 0.92 2.26
CA GLY A 217 -7.15 -0.38 1.65
C GLY A 217 -8.46 -1.02 2.00
N MET A 218 -8.96 -0.69 3.17
CA MET A 218 -10.19 -1.22 3.64
C MET A 218 -11.40 -0.61 2.89
N PHE A 219 -11.21 0.44 2.06
CA PHE A 219 -12.24 0.94 1.17
C PHE A 219 -12.12 0.45 -0.25
N THR A 220 -11.34 -0.60 -0.52
CA THR A 220 -11.18 -1.20 -1.84
C THR A 220 -11.76 -2.59 -1.80
N GLN A 221 -12.39 -2.95 -2.89
CA GLN A 221 -13.23 -4.14 -2.92
C GLN A 221 -14.12 -4.34 -1.66
N SER A 222 -14.81 -3.26 -1.33
CA SER A 222 -15.33 -3.09 -0.03
C SER A 222 -16.71 -2.48 0.04
N ASN A 223 -17.41 -2.69 1.14
CA ASN A 223 -18.68 -2.06 1.36
C ASN A 223 -18.70 -1.27 2.66
N LEU A 224 -17.61 -0.58 2.96
CA LEU A 224 -17.49 0.20 4.21
C LEU A 224 -17.72 1.73 4.04
N GLY A 225 -18.03 2.20 2.82
CA GLY A 225 -18.45 3.58 2.67
C GLY A 225 -18.63 3.96 1.21
N ILE A 226 -18.96 5.23 1.00
CA ILE A 226 -19.14 5.76 -0.35
C ILE A 226 -18.03 6.76 -0.48
N VAL A 227 -17.11 6.51 -1.40
CA VAL A 227 -15.98 7.40 -1.60
C VAL A 227 -16.44 8.56 -2.50
N THR A 228 -15.99 9.76 -2.13
CA THR A 228 -16.41 10.99 -2.71
C THR A 228 -15.24 11.75 -3.35
N LYS A 229 -14.01 11.54 -2.90
CA LYS A 229 -12.80 12.14 -3.50
C LYS A 229 -11.67 11.12 -3.33
N MET A 230 -10.75 11.07 -4.27
CA MET A 230 -9.58 10.25 -4.16
C MET A 230 -8.44 10.99 -4.86
N GLY A 231 -7.26 10.91 -4.31
CA GLY A 231 -6.07 11.34 -4.96
C GLY A 231 -5.32 10.19 -5.59
N ILE A 232 -4.51 10.53 -6.61
CA ILE A 232 -3.66 9.57 -7.29
C ILE A 232 -2.38 10.21 -7.79
N ALA A 233 -1.26 9.55 -7.59
CA ALA A 233 -0.04 10.00 -8.18
C ALA A 233 -0.07 9.78 -9.70
N LEU A 234 0.55 10.70 -10.41
CA LEU A 234 0.69 10.68 -11.86
C LEU A 234 2.17 10.77 -12.22
N MET A 235 2.58 9.88 -13.11
CA MET A 235 3.94 9.76 -13.57
C MET A 235 4.25 10.89 -14.55
N GLN A 236 5.49 11.35 -14.57
CA GLN A 236 5.98 12.20 -15.64
C GLN A 236 6.10 11.43 -16.93
N ARG A 237 5.66 12.06 -18.03
CA ARG A 237 5.82 11.44 -19.36
C ARG A 237 7.34 11.36 -19.71
N PRO A 238 7.84 10.18 -20.05
CA PRO A 238 9.21 10.04 -20.47
C PRO A 238 9.49 10.73 -21.82
N PRO A 239 10.74 10.96 -22.14
CA PRO A 239 11.04 11.63 -23.43
C PRO A 239 10.76 10.80 -24.67
N ALA A 240 10.75 9.47 -24.58
CA ALA A 240 10.52 8.61 -25.72
C ALA A 240 9.96 7.26 -25.18
N SER A 241 9.31 6.54 -26.07
CA SER A 241 8.84 5.22 -25.77
C SER A 241 8.81 4.40 -27.03
N GLN A 242 8.77 3.08 -26.84
CA GLN A 242 8.68 2.13 -27.94
C GLN A 242 7.96 0.91 -27.45
N SER A 243 7.00 0.46 -28.21
CA SER A 243 6.25 -0.77 -27.92
C SER A 243 6.66 -1.87 -28.83
N PHE A 244 6.48 -3.08 -28.35
CA PHE A 244 6.83 -4.23 -29.09
C PHE A 244 5.90 -5.35 -28.81
N LEU A 245 5.91 -6.27 -29.79
CA LEU A 245 5.17 -7.49 -29.80
C LEU A 245 6.15 -8.61 -30.05
N ILE A 246 6.03 -9.68 -29.27
CA ILE A 246 6.74 -10.92 -29.55
C ILE A 246 5.69 -11.98 -29.75
N THR A 247 5.67 -12.63 -30.93
CA THR A 247 4.77 -13.75 -31.18
C THR A 247 5.51 -15.07 -30.94
N PHE A 248 4.78 -15.98 -30.33
CA PHE A 248 5.26 -17.28 -30.01
C PHE A 248 4.28 -18.27 -30.60
N ASP A 249 4.82 -19.20 -31.37
CA ASP A 249 3.98 -20.14 -32.16
C ASP A 249 3.08 -21.14 -31.34
N LYS A 250 3.56 -21.71 -30.24
CA LYS A 250 2.90 -22.90 -29.69
C LYS A 250 2.23 -22.60 -28.37
N GLU A 251 1.03 -23.16 -28.14
CA GLU A 251 0.40 -23.16 -26.80
C GLU A 251 1.41 -23.44 -25.70
N GLU A 252 2.28 -24.41 -25.95
CA GLU A 252 3.22 -24.95 -25.01
C GLU A 252 4.36 -24.05 -24.73
N ASP A 253 4.53 -22.98 -25.52
CA ASP A 253 5.57 -21.96 -25.22
C ASP A 253 5.33 -21.21 -23.93
N LEU A 254 4.13 -21.28 -23.35
CA LEU A 254 3.80 -20.48 -22.19
C LEU A 254 4.77 -20.67 -21.07
N GLU A 255 5.15 -21.91 -20.79
CA GLU A 255 6.05 -22.17 -19.69
C GLU A 255 7.39 -21.37 -19.83
N GLN A 256 8.02 -21.56 -21.00
CA GLN A 256 9.31 -20.94 -21.23
C GLN A 256 9.18 -19.40 -21.30
N ILE A 257 8.06 -18.88 -21.82
CA ILE A 257 7.91 -17.40 -21.98
C ILE A 257 8.00 -16.77 -20.58
N VAL A 258 7.24 -17.36 -19.68
CA VAL A 258 7.13 -16.82 -18.29
C VAL A 258 8.44 -16.97 -17.56
N ASP A 259 9.11 -18.12 -17.77
CA ASP A 259 10.39 -18.34 -17.10
C ASP A 259 11.51 -17.41 -17.58
N ILE A 260 11.51 -17.10 -18.86
CA ILE A 260 12.44 -16.14 -19.38
C ILE A 260 12.08 -14.74 -18.89
N MET A 261 10.78 -14.46 -18.83
CA MET A 261 10.31 -13.15 -18.47
C MET A 261 10.72 -12.69 -17.05
N LEU A 262 10.66 -13.56 -16.05
CA LEU A 262 10.76 -13.11 -14.67
C LEU A 262 12.06 -12.32 -14.36
N PRO A 263 13.24 -12.89 -14.75
CA PRO A 263 14.45 -12.16 -14.45
C PRO A 263 14.56 -10.84 -15.16
N LEU A 264 13.80 -10.64 -16.23
CA LEU A 264 13.79 -9.39 -16.96
C LEU A 264 12.77 -8.39 -16.38
N ARG A 265 11.83 -8.87 -15.54
CA ARG A 265 10.76 -8.07 -14.99
C ARG A 265 11.00 -7.62 -13.55
N ILE A 266 11.54 -8.52 -12.75
CA ILE A 266 11.52 -8.34 -11.29
C ILE A 266 12.23 -7.05 -10.81
N ASN A 267 13.25 -6.59 -11.55
CA ASN A 267 13.88 -5.29 -11.28
C ASN A 267 13.37 -4.09 -11.96
N MET A 268 12.27 -4.27 -12.68
CA MET A 268 11.63 -3.25 -13.44
C MET A 268 12.43 -2.85 -14.68
N ALA A 269 13.36 -3.67 -15.15
CA ALA A 269 14.21 -3.36 -16.28
C ALA A 269 14.87 -4.63 -16.65
N PRO A 270 14.92 -4.96 -17.92
CA PRO A 270 14.48 -4.10 -19.05
C PRO A 270 12.98 -4.05 -19.32
N LEU A 271 12.19 -4.94 -18.71
CA LEU A 271 10.73 -4.80 -18.75
C LEU A 271 10.19 -3.79 -17.75
N GLN A 272 10.13 -2.55 -18.22
CA GLN A 272 9.74 -1.38 -17.45
C GLN A 272 8.24 -1.23 -17.24
N ASN A 273 7.46 -1.60 -18.23
CA ASN A 273 6.03 -1.43 -18.10
C ASN A 273 5.44 -2.74 -17.59
N VAL A 274 4.11 -2.79 -17.54
CA VAL A 274 3.38 -4.00 -17.21
C VAL A 274 3.19 -4.84 -18.52
N PRO A 275 4.05 -5.80 -18.73
CA PRO A 275 3.79 -6.63 -19.92
C PRO A 275 2.48 -7.43 -19.84
N VAL A 276 1.90 -7.63 -21.03
CA VAL A 276 0.73 -8.46 -21.11
C VAL A 276 1.08 -9.62 -22.02
N LEU A 277 0.65 -10.81 -21.67
CA LEU A 277 0.75 -11.96 -22.59
C LEU A 277 -0.66 -12.42 -22.92
N ARG A 278 -1.03 -12.26 -24.21
CA ARG A 278 -2.37 -12.46 -24.69
C ARG A 278 -2.37 -13.69 -25.63
N ASN A 279 -3.43 -14.49 -25.56
CA ASN A 279 -3.45 -15.62 -26.45
C ASN A 279 -4.15 -15.17 -27.72
N ILE A 280 -4.20 -16.08 -28.69
CA ILE A 280 -4.70 -15.77 -30.04
C ILE A 280 -6.18 -15.52 -30.01
N PHE A 281 -6.94 -16.15 -29.11
CA PHE A 281 -8.38 -15.87 -29.01
C PHE A 281 -8.68 -14.44 -28.53
N MET A 282 -7.82 -13.92 -27.70
CA MET A 282 -7.92 -12.53 -27.23
C MET A 282 -7.65 -11.64 -28.39
N ASP A 283 -6.51 -11.87 -29.04
CA ASP A 283 -6.12 -11.00 -30.16
C ASP A 283 -7.01 -11.08 -31.40
N ALA A 284 -7.41 -12.29 -31.77
CA ALA A 284 -8.32 -12.48 -32.88
C ALA A 284 -9.66 -11.87 -32.56
N ALA A 285 -10.14 -11.98 -31.33
CA ALA A 285 -11.45 -11.39 -31.04
C ALA A 285 -11.42 -9.84 -31.10
N ALA A 286 -10.22 -9.26 -30.95
CA ALA A 286 -10.06 -7.83 -30.98
C ALA A 286 -10.19 -7.28 -32.40
N VAL A 287 -9.99 -8.12 -33.41
CA VAL A 287 -10.00 -7.70 -34.80
C VAL A 287 -10.88 -8.52 -35.73
N SER A 288 -11.63 -9.50 -35.25
CA SER A 288 -12.40 -10.38 -36.15
C SER A 288 -13.51 -11.08 -35.41
N LYS A 289 -14.43 -11.63 -36.16
CA LYS A 289 -15.50 -12.40 -35.61
C LYS A 289 -15.19 -13.87 -35.69
N ARG A 290 -15.75 -14.60 -34.75
CA ARG A 290 -15.46 -16.01 -34.66
C ARG A 290 -15.78 -16.76 -36.00
N THR A 291 -16.85 -16.35 -36.66
CA THR A 291 -17.27 -17.00 -37.91
C THR A 291 -16.38 -16.74 -39.06
N GLU A 292 -15.46 -15.78 -39.00
CA GLU A 292 -14.39 -15.75 -40.02
C GLU A 292 -13.49 -16.98 -39.95
N TRP A 293 -13.37 -17.61 -38.79
CA TRP A 293 -12.40 -18.70 -38.63
C TRP A 293 -13.11 -20.02 -38.52
N PHE A 294 -14.30 -20.05 -37.95
CA PHE A 294 -14.97 -21.32 -37.71
C PHE A 294 -16.42 -21.05 -37.46
N ASP A 295 -17.25 -21.86 -38.10
CA ASP A 295 -18.71 -21.73 -37.92
C ASP A 295 -19.38 -23.06 -37.57
N GLY A 296 -18.64 -24.04 -37.04
CA GLY A 296 -19.26 -25.26 -36.56
C GLY A 296 -19.71 -25.13 -35.12
N ASP A 297 -19.84 -26.30 -34.52
CA ASP A 297 -20.33 -26.53 -33.18
C ASP A 297 -19.11 -26.78 -32.39
N GLY A 298 -19.14 -26.35 -31.13
CA GLY A 298 -18.10 -26.69 -30.18
C GLY A 298 -16.82 -25.93 -30.35
N PRO A 299 -15.79 -26.34 -29.58
CA PRO A 299 -14.52 -25.65 -29.54
C PRO A 299 -13.88 -25.57 -30.91
N MET A 300 -13.18 -24.49 -31.14
CA MET A 300 -12.59 -24.28 -32.42
C MET A 300 -11.53 -25.37 -32.66
N PRO A 301 -11.50 -26.02 -33.84
CA PRO A 301 -10.44 -27.02 -33.97
C PRO A 301 -9.08 -26.42 -34.31
N ALA A 302 -8.05 -27.22 -34.07
CA ALA A 302 -6.67 -26.85 -34.29
C ALA A 302 -6.40 -26.21 -35.65
N GLU A 303 -7.01 -26.74 -36.72
CA GLU A 303 -6.79 -26.21 -38.07
C GLU A 303 -7.32 -24.77 -38.13
N ALA A 304 -8.49 -24.53 -37.55
CA ALA A 304 -9.03 -23.17 -37.49
C ALA A 304 -8.18 -22.22 -36.64
N ILE A 305 -7.61 -22.73 -35.55
CA ILE A 305 -6.69 -21.94 -34.77
C ILE A 305 -5.41 -21.60 -35.57
N GLU A 306 -4.87 -22.56 -36.31
CA GLU A 306 -3.75 -22.28 -37.20
C GLU A 306 -4.09 -21.22 -38.25
N ARG A 307 -5.31 -21.22 -38.76
CA ARG A 307 -5.72 -20.22 -39.74
C ARG A 307 -5.75 -18.79 -39.13
N MET A 308 -6.27 -18.63 -37.90
CA MET A 308 -6.26 -17.31 -37.19
C MET A 308 -4.82 -16.82 -37.10
N LYS A 309 -3.92 -17.70 -36.68
CA LYS A 309 -2.50 -17.34 -36.50
C LYS A 309 -1.87 -16.90 -37.81
N LYS A 310 -2.04 -17.70 -38.86
CA LYS A 310 -1.45 -17.38 -40.16
C LYS A 310 -2.04 -16.14 -40.77
N ASP A 311 -3.36 -16.03 -40.80
CA ASP A 311 -3.98 -14.85 -41.40
C ASP A 311 -3.67 -13.54 -40.68
N LEU A 312 -3.64 -13.56 -39.35
CA LEU A 312 -3.33 -12.36 -38.62
C LEU A 312 -1.86 -12.19 -38.42
N ASP A 313 -1.03 -13.20 -38.78
CA ASP A 313 0.40 -13.17 -38.54
C ASP A 313 0.73 -13.02 -37.02
N LEU A 314 0.02 -13.79 -36.21
CA LEU A 314 0.22 -13.77 -34.75
C LEU A 314 0.54 -15.16 -34.27
N GLY A 315 1.05 -15.22 -33.05
CA GLY A 315 1.32 -16.48 -32.38
C GLY A 315 0.14 -16.98 -31.58
N PHE A 316 0.29 -18.15 -31.00
CA PHE A 316 -0.69 -18.59 -30.02
C PHE A 316 -0.62 -17.68 -28.83
N TRP A 317 0.60 -17.31 -28.48
CA TRP A 317 0.86 -16.32 -27.40
C TRP A 317 1.58 -15.11 -27.95
N ASN A 318 1.10 -13.96 -27.51
CA ASN A 318 1.56 -12.66 -28.01
C ASN A 318 1.87 -11.79 -26.82
N PHE A 319 3.13 -11.42 -26.73
CA PHE A 319 3.68 -10.63 -25.62
C PHE A 319 3.78 -9.19 -26.07
N TYR A 320 3.16 -8.30 -25.30
CA TYR A 320 3.26 -6.89 -25.56
C TYR A 320 3.89 -6.14 -24.44
N GLY A 321 4.88 -5.32 -24.80
CA GLY A 321 5.54 -4.49 -23.83
C GLY A 321 5.84 -3.11 -24.36
N THR A 322 6.21 -2.20 -23.44
CA THR A 322 6.62 -0.82 -23.79
C THR A 322 7.88 -0.41 -23.01
N LEU A 323 8.78 0.26 -23.70
CA LEU A 323 10.00 0.76 -23.11
C LEU A 323 9.97 2.27 -23.11
N TYR A 324 10.61 2.85 -22.12
CA TYR A 324 10.52 4.29 -21.94
C TYR A 324 11.92 4.79 -21.63
N GLY A 325 12.18 6.02 -22.03
CA GLY A 325 13.35 6.72 -21.61
C GLY A 325 14.08 7.34 -22.75
N PRO A 326 15.35 7.70 -22.50
CA PRO A 326 16.16 8.22 -23.59
C PRO A 326 16.35 7.15 -24.70
N PRO A 327 16.45 7.57 -25.97
CA PRO A 327 16.55 6.54 -26.96
C PRO A 327 17.62 5.46 -26.80
N PRO A 328 18.81 5.79 -26.28
CA PRO A 328 19.81 4.74 -26.24
C PRO A 328 19.46 3.71 -25.15
N LEU A 329 18.79 4.16 -24.07
CA LEU A 329 18.27 3.27 -23.01
C LEU A 329 17.21 2.33 -23.60
N ILE A 330 16.30 2.88 -24.41
CA ILE A 330 15.31 2.03 -25.06
C ILE A 330 15.99 0.96 -25.88
N GLU A 331 16.94 1.37 -26.73
CA GLU A 331 17.62 0.36 -27.59
C GLU A 331 18.39 -0.69 -26.86
N MET A 332 19.03 -0.30 -25.78
CA MET A 332 19.78 -1.26 -24.95
C MET A 332 18.81 -2.30 -24.32
N TYR A 333 17.67 -1.80 -23.79
CA TYR A 333 16.65 -2.70 -23.20
C TYR A 333 16.00 -3.59 -24.20
N TYR A 334 15.70 -3.08 -25.39
CA TYR A 334 15.05 -3.88 -26.37
C TYR A 334 15.97 -5.02 -26.86
N GLY A 335 17.26 -4.68 -27.01
CA GLY A 335 18.31 -5.66 -27.32
C GLY A 335 18.34 -6.78 -26.32
N MET A 336 18.27 -6.47 -25.02
CA MET A 336 18.27 -7.50 -23.97
C MET A 336 17.04 -8.40 -24.08
N ILE A 337 15.89 -7.76 -24.39
CA ILE A 337 14.64 -8.47 -24.54
C ILE A 337 14.66 -9.43 -25.73
N LYS A 338 15.16 -8.98 -26.88
CA LYS A 338 15.28 -9.86 -28.05
C LYS A 338 16.15 -11.06 -27.83
N GLU A 339 17.26 -10.81 -27.21
CA GLU A 339 18.20 -11.83 -26.87
C GLU A 339 17.66 -12.88 -25.86
N ALA A 340 16.91 -12.45 -24.85
CA ALA A 340 16.34 -13.39 -23.91
C ALA A 340 15.23 -14.18 -24.55
N PHE A 341 14.21 -13.52 -25.07
CA PHE A 341 13.08 -14.25 -25.60
C PHE A 341 13.37 -14.97 -26.90
N GLY A 342 14.41 -14.56 -27.62
CA GLY A 342 14.80 -15.22 -28.85
C GLY A 342 15.22 -16.70 -28.68
N LYS A 343 15.50 -17.12 -27.46
CA LYS A 343 15.76 -18.51 -27.17
C LYS A 343 14.60 -19.41 -27.48
N ILE A 344 13.36 -18.88 -27.60
CA ILE A 344 12.25 -19.74 -27.78
C ILE A 344 12.11 -19.95 -29.24
N PRO A 345 12.26 -21.22 -29.71
CA PRO A 345 12.12 -21.45 -31.15
C PRO A 345 10.82 -20.86 -31.73
N GLY A 346 10.92 -20.22 -32.85
CA GLY A 346 9.77 -19.62 -33.50
C GLY A 346 9.36 -18.22 -33.06
N ALA A 347 10.01 -17.64 -32.04
CA ALA A 347 9.70 -16.27 -31.63
C ALA A 347 10.04 -15.27 -32.69
N ARG A 348 9.09 -14.34 -32.93
CA ARG A 348 9.29 -13.19 -33.83
C ARG A 348 8.95 -11.90 -33.11
N PHE A 349 9.65 -10.82 -33.46
CA PHE A 349 9.66 -9.54 -32.78
C PHE A 349 9.24 -8.45 -33.70
N PHE A 350 8.36 -7.56 -33.25
CA PHE A 350 7.95 -6.42 -34.03
C PHE A 350 7.87 -5.25 -33.09
N THR A 351 8.37 -4.10 -33.49
CA THR A 351 8.10 -2.84 -32.79
C THR A 351 6.87 -2.17 -33.39
N HIS A 352 6.39 -1.15 -32.71
CA HIS A 352 5.21 -0.44 -33.14
C HIS A 352 5.48 0.33 -34.42
N GLU A 353 6.73 0.59 -34.74
CA GLU A 353 7.05 1.22 -36.04
C GLU A 353 7.08 0.25 -37.23
N GLU A 354 7.05 -1.05 -37.00
CA GLU A 354 7.26 -2.07 -38.03
C GLU A 354 6.01 -2.79 -38.45
N ARG A 355 4.91 -2.68 -37.73
CA ARG A 355 3.68 -3.41 -38.08
C ARG A 355 2.47 -2.56 -38.06
N ASP A 356 1.86 -2.40 -39.22
CA ASP A 356 0.66 -1.58 -39.44
C ASP A 356 -0.52 -2.38 -40.01
N ASP A 357 -0.45 -3.71 -39.99
CA ASP A 357 -1.45 -4.60 -40.61
C ASP A 357 -2.61 -4.87 -39.66
N ARG A 358 -3.59 -5.64 -40.11
CA ARG A 358 -4.71 -5.97 -39.25
C ARG A 358 -4.30 -6.64 -37.94
N GLY A 359 -3.45 -7.66 -38.02
CA GLY A 359 -2.93 -8.31 -36.83
C GLY A 359 -2.18 -7.40 -35.84
N GLY A 360 -1.56 -6.35 -36.36
CA GLY A 360 -0.84 -5.32 -35.59
C GLY A 360 -1.70 -4.29 -34.91
N HIS A 361 -3.01 -4.32 -35.16
CA HIS A 361 -3.94 -3.45 -34.53
C HIS A 361 -3.85 -3.54 -32.93
N VAL A 362 -3.71 -4.72 -32.37
CA VAL A 362 -3.56 -4.85 -30.92
C VAL A 362 -2.26 -4.13 -30.42
N LEU A 363 -1.15 -4.35 -31.08
CA LEU A 363 0.09 -3.63 -30.81
C LEU A 363 -0.05 -2.14 -30.83
N GLN A 364 -0.73 -1.60 -31.86
CA GLN A 364 -0.99 -0.18 -31.86
C GLN A 364 -1.84 0.30 -30.72
N ASP A 365 -2.84 -0.49 -30.33
CA ASP A 365 -3.70 -0.21 -29.18
C ASP A 365 -2.92 -0.26 -27.88
N ARG A 366 -2.03 -1.26 -27.74
CA ARG A 366 -1.18 -1.36 -26.56
C ARG A 366 -0.20 -0.15 -26.47
N HIS A 367 0.30 0.31 -27.60
CA HIS A 367 1.16 1.44 -27.65
C HIS A 367 0.46 2.74 -27.19
N LYS A 368 -0.84 2.91 -27.46
CA LYS A 368 -1.62 3.98 -26.88
C LYS A 368 -1.81 3.80 -25.37
N ILE A 369 -2.31 2.64 -24.97
CA ILE A 369 -2.60 2.38 -23.56
C ILE A 369 -1.36 2.46 -22.67
N ASN A 370 -0.26 1.89 -23.12
CA ASN A 370 0.97 1.92 -22.38
C ASN A 370 1.65 3.30 -22.31
N ASN A 371 1.18 4.27 -23.09
CA ASN A 371 1.61 5.64 -23.03
C ASN A 371 0.51 6.54 -22.45
N GLY A 372 -0.46 5.92 -21.77
CA GLY A 372 -1.53 6.65 -21.13
C GLY A 372 -2.49 7.39 -22.02
N ILE A 373 -2.72 6.84 -23.21
CA ILE A 373 -3.67 7.33 -24.13
C ILE A 373 -4.85 6.32 -24.13
N PRO A 374 -5.96 6.70 -23.53
CA PRO A 374 -7.12 5.85 -23.37
C PRO A 374 -7.74 5.50 -24.73
N SER A 375 -8.37 4.34 -24.77
CA SER A 375 -8.90 3.77 -25.96
C SER A 375 -10.21 3.06 -25.66
N LEU A 376 -11.05 2.95 -26.66
CA LEU A 376 -12.16 1.97 -26.60
C LEU A 376 -12.04 0.86 -27.63
N ASP A 377 -10.86 0.63 -28.18
CA ASP A 377 -10.71 -0.36 -29.24
C ASP A 377 -11.00 -1.78 -28.79
N GLU A 378 -10.65 -2.13 -27.54
CA GLU A 378 -10.96 -3.44 -27.01
C GLU A 378 -12.47 -3.74 -26.89
N LEU A 379 -13.37 -2.80 -27.10
CA LEU A 379 -14.82 -3.13 -27.15
C LEU A 379 -15.13 -4.03 -28.31
N GLN A 380 -14.26 -4.00 -29.31
CA GLN A 380 -14.40 -4.92 -30.44
C GLN A 380 -14.37 -6.42 -30.04
N LEU A 381 -13.79 -6.79 -28.89
CA LEU A 381 -13.85 -8.18 -28.42
C LEU A 381 -15.25 -8.68 -28.32
N LEU A 382 -16.19 -7.80 -28.01
CA LEU A 382 -17.57 -8.17 -27.78
C LEU A 382 -18.32 -8.50 -29.08
N ASP A 383 -17.74 -8.19 -30.21
CA ASP A 383 -18.30 -8.59 -31.50
C ASP A 383 -17.81 -9.94 -31.89
N TRP A 384 -17.03 -10.65 -31.07
CA TRP A 384 -16.61 -12.03 -31.41
C TRP A 384 -17.78 -12.95 -31.78
N VAL A 385 -18.86 -12.87 -31.01
CA VAL A 385 -20.10 -13.61 -31.23
C VAL A 385 -21.26 -12.64 -31.10
N PRO A 386 -22.45 -13.00 -31.60
CA PRO A 386 -23.59 -12.06 -31.47
C PRO A 386 -23.97 -11.77 -30.02
N ASN A 387 -24.44 -10.57 -29.74
CA ASN A 387 -24.88 -10.20 -28.39
C ASN A 387 -23.72 -10.44 -27.38
N GLY A 388 -22.49 -10.16 -27.79
CA GLY A 388 -21.36 -10.66 -27.02
C GLY A 388 -21.25 -9.99 -25.67
N GLY A 389 -20.92 -10.76 -24.65
CA GLY A 389 -20.55 -10.19 -23.35
C GLY A 389 -19.36 -10.97 -22.89
N HIS A 390 -18.77 -10.56 -21.77
CA HIS A 390 -17.68 -11.33 -21.17
C HIS A 390 -17.84 -11.35 -19.63
N ILE A 391 -17.13 -12.27 -19.03
CA ILE A 391 -16.95 -12.38 -17.58
C ILE A 391 -15.45 -12.55 -17.41
N GLY A 392 -14.90 -11.98 -16.37
CA GLY A 392 -13.51 -12.18 -16.01
C GLY A 392 -13.39 -13.19 -14.87
N PHE A 393 -12.72 -14.28 -15.18
CA PHE A 393 -12.26 -15.22 -14.17
C PHE A 393 -10.80 -14.88 -14.04
N SER A 394 -10.38 -14.46 -12.85
CA SER A 394 -9.11 -13.70 -12.70
C SER A 394 -8.21 -14.19 -11.61
N PRO A 395 -7.72 -15.43 -11.77
CA PRO A 395 -6.77 -15.97 -10.82
C PRO A 395 -5.43 -15.23 -10.85
N VAL A 396 -4.80 -15.19 -9.69
CA VAL A 396 -3.43 -14.77 -9.49
C VAL A 396 -2.52 -15.94 -9.80
N SER A 397 -1.40 -15.68 -10.44
CA SER A 397 -0.40 -16.71 -10.74
C SER A 397 0.95 -16.23 -10.22
N ALA A 398 1.72 -17.12 -9.62
CA ALA A 398 3.17 -16.87 -9.58
C ALA A 398 3.72 -16.65 -11.02
N PRO A 399 4.77 -15.84 -11.17
CA PRO A 399 5.46 -15.63 -12.40
C PRO A 399 6.42 -16.82 -12.64
N ASP A 400 5.78 -17.96 -12.79
CA ASP A 400 6.45 -19.21 -12.95
C ASP A 400 5.75 -19.92 -14.09
N GLY A 401 6.53 -20.51 -14.99
CA GLY A 401 6.02 -21.10 -16.23
C GLY A 401 5.18 -22.34 -15.94
N ARG A 402 5.63 -23.18 -15.01
CA ARG A 402 4.85 -24.34 -14.67
C ARG A 402 3.48 -23.98 -14.10
N GLU A 403 3.43 -22.98 -13.22
CA GLU A 403 2.18 -22.53 -12.61
C GLU A 403 1.25 -21.92 -13.66
N ALA A 404 1.81 -21.12 -14.55
CA ALA A 404 0.97 -20.48 -15.55
C ALA A 404 0.37 -21.53 -16.49
N MET A 405 1.20 -22.48 -16.90
CA MET A 405 0.78 -23.63 -17.77
C MET A 405 -0.26 -24.47 -17.12
N LYS A 406 -0.07 -24.73 -15.82
CA LYS A 406 -1.10 -25.41 -15.06
C LYS A 406 -2.45 -24.69 -15.05
N GLN A 407 -2.40 -23.40 -14.77
CA GLN A 407 -3.61 -22.61 -14.83
C GLN A 407 -4.25 -22.60 -16.20
N PHE A 408 -3.44 -22.39 -17.20
CA PHE A 408 -3.91 -22.40 -18.58
C PHE A 408 -4.62 -23.70 -18.95
N GLU A 409 -3.96 -24.83 -18.66
CA GLU A 409 -4.54 -26.14 -19.01
C GLU A 409 -5.83 -26.41 -18.28
N MET A 410 -5.83 -26.08 -16.99
CA MET A 410 -7.02 -26.28 -16.14
C MET A 410 -8.21 -25.48 -16.66
N VAL A 411 -7.98 -24.20 -17.01
CA VAL A 411 -9.03 -23.30 -17.51
C VAL A 411 -9.47 -23.77 -18.91
N ARG A 412 -8.50 -24.09 -19.74
CA ARG A 412 -8.78 -24.62 -21.11
C ARG A 412 -9.66 -25.91 -21.11
N ASN A 413 -9.33 -26.85 -20.23
CA ASN A 413 -10.08 -28.06 -20.03
C ASN A 413 -11.56 -27.76 -19.76
N ARG A 414 -11.85 -26.86 -18.83
CA ARG A 414 -13.23 -26.50 -18.53
C ARG A 414 -13.87 -25.62 -19.60
N ALA A 415 -13.15 -24.68 -20.15
CA ALA A 415 -13.64 -23.89 -21.29
C ALA A 415 -14.17 -24.80 -22.42
N ASN A 416 -13.39 -25.80 -22.79
CA ASN A 416 -13.75 -26.77 -23.83
C ASN A 416 -15.00 -27.59 -23.44
N GLU A 417 -14.99 -28.12 -22.23
CA GLU A 417 -16.11 -28.84 -21.64
C GLU A 417 -17.39 -28.02 -21.65
N TYR A 418 -17.35 -26.72 -21.36
CA TYR A 418 -18.55 -25.92 -21.36
C TYR A 418 -18.77 -25.14 -22.67
N ASN A 419 -18.05 -25.48 -23.73
CA ASN A 419 -18.04 -24.77 -25.00
C ASN A 419 -17.98 -23.23 -24.92
N LYS A 420 -16.95 -22.73 -24.23
CA LYS A 420 -16.74 -21.30 -24.18
C LYS A 420 -15.32 -21.05 -24.60
N ASP A 421 -15.11 -20.08 -25.47
CA ASP A 421 -13.75 -19.76 -25.89
C ASP A 421 -12.99 -19.09 -24.74
N TYR A 422 -11.75 -19.51 -24.57
CA TYR A 422 -10.91 -19.03 -23.52
C TYR A 422 -9.91 -18.03 -24.12
N ALA A 423 -10.18 -16.77 -23.89
CA ALA A 423 -9.22 -15.70 -24.23
C ALA A 423 -8.43 -15.40 -22.90
N ALA A 424 -7.13 -15.29 -22.96
CA ALA A 424 -6.29 -15.17 -21.77
C ALA A 424 -5.49 -13.90 -21.94
N GLN A 425 -5.37 -13.14 -20.87
CA GLN A 425 -4.41 -12.03 -20.78
C GLN A 425 -3.70 -12.10 -19.45
N PHE A 426 -2.42 -12.55 -19.45
CA PHE A 426 -1.62 -12.48 -18.24
C PHE A 426 -1.11 -11.05 -18.13
N ILE A 427 -1.35 -10.42 -17.00
CA ILE A 427 -0.92 -9.05 -16.71
C ILE A 427 0.20 -9.13 -15.70
N ILE A 428 1.40 -8.70 -16.09
CA ILE A 428 2.59 -9.15 -15.36
C ILE A 428 3.18 -8.07 -14.47
N GLY A 429 2.99 -8.23 -13.16
CA GLY A 429 3.60 -7.45 -12.12
C GLY A 429 5.04 -7.87 -11.88
N LEU A 430 5.66 -7.36 -10.81
CA LEU A 430 7.07 -7.65 -10.52
C LEU A 430 7.23 -9.08 -10.07
N ARG A 431 6.31 -9.52 -9.22
CA ARG A 431 6.37 -10.77 -8.54
C ARG A 431 5.11 -11.62 -8.65
N GLU A 432 4.17 -11.24 -9.52
CA GLU A 432 2.93 -11.97 -9.68
C GLU A 432 2.32 -11.59 -11.03
N MET A 433 1.39 -12.42 -11.50
CA MET A 433 0.62 -12.18 -12.68
C MET A 433 -0.82 -12.27 -12.34
N HIS A 434 -1.58 -11.35 -12.87
CA HIS A 434 -3.02 -11.43 -12.86
C HIS A 434 -3.35 -12.18 -14.12
N HIS A 435 -3.84 -13.39 -14.01
CA HIS A 435 -4.20 -14.15 -15.17
C HIS A 435 -5.64 -13.97 -15.49
N VAL A 436 -5.95 -13.07 -16.41
CA VAL A 436 -7.31 -12.74 -16.72
C VAL A 436 -7.83 -13.68 -17.80
N CYS A 437 -8.86 -14.44 -17.47
CA CYS A 437 -9.45 -15.40 -18.40
C CYS A 437 -10.73 -14.72 -18.75
N LEU A 438 -10.84 -14.26 -19.99
CA LEU A 438 -12.01 -13.56 -20.40
C LEU A 438 -12.80 -14.55 -21.24
N PHE A 439 -14.04 -14.84 -20.92
CA PHE A 439 -14.84 -15.74 -21.76
C PHE A 439 -15.92 -14.92 -22.43
N ILE A 440 -15.93 -14.91 -23.74
CA ILE A 440 -16.82 -14.08 -24.49
C ILE A 440 -17.94 -15.01 -24.94
N TYR A 441 -19.18 -14.57 -24.78
CA TYR A 441 -20.31 -15.46 -24.99
C TYR A 441 -21.53 -14.65 -25.38
N ASP A 442 -22.55 -15.37 -25.83
CA ASP A 442 -23.73 -14.73 -26.39
C ASP A 442 -24.65 -14.51 -25.27
N THR A 443 -24.82 -13.25 -24.89
CA THR A 443 -25.56 -12.96 -23.68
C THR A 443 -27.08 -13.19 -23.83
N ALA A 444 -27.58 -13.28 -25.04
CA ALA A 444 -29.04 -13.53 -25.24
C ALA A 444 -29.48 -14.99 -24.89
N ILE A 445 -28.56 -15.97 -24.96
CA ILE A 445 -28.95 -17.36 -24.86
C ILE A 445 -28.89 -17.82 -23.41
N PRO A 446 -30.02 -18.27 -22.87
CA PRO A 446 -30.01 -18.62 -21.44
C PRO A 446 -29.08 -19.77 -21.09
N GLU A 447 -28.90 -20.72 -22.02
CA GLU A 447 -27.93 -21.80 -21.88
C GLU A 447 -26.48 -21.31 -21.78
N ALA A 448 -26.13 -20.33 -22.58
CA ALA A 448 -24.79 -19.76 -22.57
C ALA A 448 -24.50 -19.07 -21.22
N ARG A 449 -25.43 -18.28 -20.74
CA ARG A 449 -25.28 -17.58 -19.51
C ARG A 449 -25.15 -18.53 -18.33
N GLU A 450 -25.94 -19.62 -18.33
CA GLU A 450 -25.88 -20.61 -17.27
C GLU A 450 -24.60 -21.42 -17.31
N GLU A 451 -24.17 -21.80 -18.50
CA GLU A 451 -22.93 -22.50 -18.69
C GLU A 451 -21.74 -21.63 -18.22
N ILE A 452 -21.79 -20.32 -18.51
CA ILE A 452 -20.79 -19.39 -17.98
C ILE A 452 -20.76 -19.43 -16.45
N LEU A 453 -21.93 -19.31 -15.83
CA LEU A 453 -22.08 -19.37 -14.41
C LEU A 453 -21.54 -20.67 -13.83
N GLN A 454 -21.96 -21.81 -14.37
CA GLN A 454 -21.56 -23.10 -13.81
C GLN A 454 -20.09 -23.33 -14.04
N MET A 455 -19.62 -22.94 -15.22
CA MET A 455 -18.21 -23.15 -15.59
C MET A 455 -17.24 -22.38 -14.66
N THR A 456 -17.55 -21.11 -14.43
CA THR A 456 -16.78 -20.23 -13.56
C THR A 456 -16.85 -20.69 -12.11
N LYS A 457 -18.01 -21.24 -11.68
CA LYS A 457 -18.06 -21.79 -10.32
C LYS A 457 -17.14 -23.01 -10.13
N VAL A 458 -17.14 -23.89 -11.09
CA VAL A 458 -16.23 -25.00 -11.11
C VAL A 458 -14.79 -24.46 -11.14
N LEU A 459 -14.49 -23.47 -11.99
CA LEU A 459 -13.11 -22.95 -12.06
C LEU A 459 -12.65 -22.31 -10.74
N VAL A 460 -13.53 -21.58 -10.09
CA VAL A 460 -13.20 -21.00 -8.81
C VAL A 460 -12.80 -22.15 -7.85
N ARG A 461 -13.66 -23.16 -7.76
CA ARG A 461 -13.41 -24.27 -6.83
C ARG A 461 -12.08 -25.06 -7.15
N GLU A 462 -11.94 -25.39 -8.40
CA GLU A 462 -10.85 -26.17 -8.90
C GLU A 462 -9.52 -25.41 -8.75
N ALA A 463 -9.55 -24.11 -9.02
CA ALA A 463 -8.35 -23.29 -8.87
C ALA A 463 -7.92 -23.26 -7.38
N ALA A 464 -8.88 -23.04 -6.52
CA ALA A 464 -8.63 -23.09 -5.10
C ALA A 464 -8.11 -24.43 -4.59
N GLU A 465 -8.61 -25.54 -5.14
CA GLU A 465 -8.09 -26.87 -4.80
C GLU A 465 -6.62 -26.98 -5.20
N ALA A 466 -6.21 -26.23 -6.22
CA ALA A 466 -4.81 -26.20 -6.66
C ALA A 466 -3.99 -25.12 -5.97
N GLY A 467 -4.63 -24.35 -5.07
CA GLY A 467 -3.96 -23.30 -4.37
C GLY A 467 -4.00 -21.94 -5.01
N TYR A 468 -4.91 -21.73 -5.96
CA TYR A 468 -5.02 -20.45 -6.66
C TYR A 468 -6.30 -19.71 -6.30
N GLY A 469 -6.16 -18.39 -6.11
CA GLY A 469 -7.27 -17.47 -5.71
C GLY A 469 -7.41 -16.30 -6.70
N GLU A 470 -8.59 -15.71 -6.77
CA GLU A 470 -8.88 -14.67 -7.72
C GLU A 470 -8.61 -13.31 -7.09
N TYR A 471 -8.15 -12.36 -7.91
CA TYR A 471 -7.86 -11.00 -7.41
C TYR A 471 -9.12 -10.11 -7.38
N ARG A 472 -10.15 -10.52 -8.10
CA ARG A 472 -11.32 -9.71 -8.36
C ARG A 472 -12.34 -10.61 -9.01
N THR A 473 -13.62 -10.39 -8.79
CA THR A 473 -14.60 -11.23 -9.40
C THR A 473 -15.96 -10.58 -9.60
N HIS A 474 -16.82 -11.32 -10.32
CA HIS A 474 -18.15 -10.92 -10.69
C HIS A 474 -19.11 -11.04 -9.51
N ASN A 475 -20.04 -10.13 -9.40
CA ASN A 475 -21.20 -10.32 -8.51
C ASN A 475 -21.60 -11.80 -8.18
N ALA A 476 -21.77 -12.57 -9.23
CA ALA A 476 -22.27 -13.95 -9.14
C ALA A 476 -21.32 -14.93 -8.47
N LEU A 477 -20.03 -14.58 -8.39
CA LEU A 477 -19.03 -15.43 -7.85
C LEU A 477 -18.44 -14.93 -6.53
N MET A 478 -18.88 -13.78 -6.04
CA MET A 478 -18.25 -13.18 -4.90
C MET A 478 -18.30 -14.11 -3.66
N ASP A 479 -19.47 -14.69 -3.40
CA ASP A 479 -19.58 -15.61 -2.23
C ASP A 479 -18.65 -16.80 -2.44
N ASP A 480 -18.61 -17.40 -3.63
CA ASP A 480 -17.72 -18.54 -3.87
C ASP A 480 -16.26 -18.22 -3.76
N VAL A 481 -15.87 -17.07 -4.28
CA VAL A 481 -14.47 -16.65 -4.22
C VAL A 481 -14.09 -16.39 -2.74
N MET A 482 -14.90 -15.67 -1.99
CA MET A 482 -14.58 -15.40 -0.62
C MET A 482 -14.50 -16.67 0.22
N ALA A 483 -15.35 -17.66 -0.11
CA ALA A 483 -15.34 -18.95 0.57
C ALA A 483 -13.98 -19.67 0.33
N THR A 484 -13.26 -19.33 -0.73
CA THR A 484 -11.91 -19.90 -0.93
C THR A 484 -10.83 -19.36 -0.05
N PHE A 485 -11.00 -18.16 0.49
CA PHE A 485 -10.00 -17.52 1.30
C PHE A 485 -10.22 -17.89 2.76
N ASN A 486 -10.32 -19.19 3.01
CA ASN A 486 -10.84 -19.67 4.30
C ASN A 486 -9.78 -20.31 5.22
N TRP A 487 -8.55 -19.81 5.14
CA TRP A 487 -7.50 -20.24 6.04
C TRP A 487 -7.96 -20.00 7.44
N GLY A 488 -7.67 -20.93 8.36
CA GLY A 488 -7.93 -20.68 9.77
C GLY A 488 -9.40 -20.65 10.03
N ASP A 489 -10.12 -21.55 9.36
CA ASP A 489 -11.54 -21.61 9.57
C ASP A 489 -12.38 -20.37 9.20
N GLY A 490 -12.06 -19.78 8.06
CA GLY A 490 -12.76 -18.59 7.61
C GLY A 490 -12.43 -17.36 8.41
N ALA A 491 -11.21 -17.26 8.92
CA ALA A 491 -10.82 -16.15 9.77
C ALA A 491 -10.97 -14.79 9.08
N LEU A 492 -10.60 -14.74 7.80
CA LEU A 492 -10.53 -13.45 7.10
C LEU A 492 -11.93 -12.89 6.97
N LEU A 493 -12.85 -13.70 6.51
CA LEU A 493 -14.24 -13.29 6.38
C LEU A 493 -14.86 -12.89 7.74
N LYS A 494 -14.54 -13.65 8.80
CA LYS A 494 -15.03 -13.31 10.14
C LYS A 494 -14.56 -11.94 10.56
N PHE A 495 -13.29 -11.65 10.31
CA PHE A 495 -12.72 -10.31 10.54
C PHE A 495 -13.50 -9.21 9.78
N HIS A 496 -13.69 -9.45 8.49
CA HIS A 496 -14.43 -8.47 7.69
C HIS A 496 -15.86 -8.22 8.20
N GLU A 497 -16.57 -9.28 8.58
CA GLU A 497 -17.98 -9.16 9.00
C GLU A 497 -18.03 -8.38 10.30
N LYS A 498 -17.00 -8.55 11.15
CA LYS A 498 -16.99 -7.87 12.42
C LYS A 498 -16.86 -6.35 12.21
N ILE A 499 -15.96 -5.94 11.31
CA ILE A 499 -15.79 -4.55 10.93
C ILE A 499 -17.05 -3.95 10.29
N LYS A 500 -17.63 -4.73 9.40
CA LYS A 500 -18.83 -4.38 8.66
C LYS A 500 -19.97 -4.12 9.63
N ASP A 501 -20.16 -5.03 10.57
CA ASP A 501 -21.22 -4.80 11.56
C ASP A 501 -20.96 -3.62 12.51
N ALA A 502 -19.70 -3.31 12.84
CA ALA A 502 -19.42 -2.18 13.69
C ALA A 502 -19.62 -0.87 12.93
N LEU A 503 -19.21 -0.80 11.65
CA LEU A 503 -19.38 0.43 10.86
C LEU A 503 -20.75 0.57 10.28
N ASP A 504 -21.42 -0.53 10.05
CA ASP A 504 -22.68 -0.51 9.34
C ASP A 504 -23.71 -1.34 10.12
N PRO A 505 -24.06 -0.88 11.33
CA PRO A 505 -25.04 -1.60 12.18
C PRO A 505 -26.38 -1.84 11.50
N ASN A 506 -26.80 -1.02 10.56
CA ASN A 506 -28.08 -1.24 9.95
C ASN A 506 -27.96 -2.00 8.63
N GLY A 507 -26.75 -2.40 8.18
CA GLY A 507 -26.60 -3.23 6.98
C GLY A 507 -26.94 -2.55 5.65
N ILE A 508 -26.50 -1.32 5.51
CA ILE A 508 -26.91 -0.43 4.41
C ILE A 508 -26.02 -0.50 3.18
N ILE A 509 -24.71 -0.47 3.33
CA ILE A 509 -23.85 -0.34 2.15
C ILE A 509 -23.56 -1.67 1.48
N ALA A 510 -23.80 -1.74 0.16
CA ALA A 510 -23.56 -2.88 -0.78
C ALA A 510 -23.43 -4.18 -0.16
N PRO A 511 -24.53 -4.63 0.47
CA PRO A 511 -24.44 -5.92 1.12
C PRO A 511 -24.02 -6.98 0.12
N GLY A 512 -23.09 -7.79 0.54
CA GLY A 512 -22.66 -8.92 -0.23
C GLY A 512 -21.45 -8.67 -1.06
N LYS A 513 -21.00 -7.42 -1.21
CA LYS A 513 -19.74 -7.12 -1.90
C LYS A 513 -18.59 -7.92 -1.25
N SER A 514 -17.84 -8.61 -2.10
CA SER A 514 -16.73 -9.46 -1.76
C SER A 514 -17.18 -10.58 -0.77
N GLY A 515 -18.43 -10.97 -0.82
CA GLY A 515 -18.98 -11.99 0.02
C GLY A 515 -19.18 -11.53 1.43
N ILE A 516 -19.13 -10.23 1.69
CA ILE A 516 -19.30 -9.69 3.04
C ILE A 516 -20.72 -9.11 3.22
N TRP A 517 -21.54 -9.83 3.98
CA TRP A 517 -22.93 -9.53 4.15
C TRP A 517 -23.07 -9.02 5.54
N SER A 518 -23.85 -7.98 5.73
CA SER A 518 -24.10 -7.55 7.09
C SER A 518 -25.02 -8.59 7.82
N GLN A 519 -25.03 -8.49 9.12
CA GLN A 519 -25.76 -9.45 10.01
C GLN A 519 -27.18 -9.69 9.58
N ARG A 520 -27.90 -8.63 9.21
CA ARG A 520 -29.30 -8.82 8.80
C ARG A 520 -29.51 -9.66 7.58
N PHE A 521 -28.49 -9.80 6.70
CA PHE A 521 -28.60 -10.63 5.48
C PHE A 521 -27.96 -11.96 5.53
N ARG A 522 -27.08 -12.18 6.50
CA ARG A 522 -26.31 -13.42 6.62
C ARG A 522 -27.18 -14.66 6.70
N GLY A 523 -26.86 -15.63 5.84
CA GLY A 523 -27.58 -16.87 5.77
C GLY A 523 -28.84 -16.93 4.92
N GLN A 524 -29.33 -15.79 4.43
CA GLN A 524 -30.55 -15.74 3.64
C GLN A 524 -30.44 -16.17 2.19
N ASN A 525 -29.24 -16.35 1.70
CA ASN A 525 -29.06 -16.72 0.29
C ASN A 525 -29.79 -15.65 -0.56
N LEU A 526 -29.32 -14.42 -0.35
CA LEU A 526 -29.85 -13.14 -0.87
C LEU A 526 -31.15 -12.63 -0.27
N THR B 2 7.52 0.42 44.68
CA THR B 2 6.10 -0.03 44.65
C THR B 2 5.69 -0.70 43.33
N ARG B 3 5.05 -1.87 43.43
CA ARG B 3 4.87 -2.84 42.31
C ARG B 3 3.95 -2.35 41.16
N THR B 4 4.41 -2.37 39.91
CA THR B 4 3.57 -1.85 38.84
C THR B 4 2.53 -2.90 38.55
N LEU B 5 1.27 -2.50 38.57
CA LEU B 5 0.19 -3.41 38.28
C LEU B 5 -0.71 -2.91 37.12
N PRO B 6 -1.31 -3.82 36.34
CA PRO B 6 -2.29 -3.43 35.30
C PRO B 6 -3.43 -2.66 35.93
N PRO B 7 -3.97 -1.67 35.22
CA PRO B 7 -5.04 -0.86 35.85
C PRO B 7 -6.25 -1.67 36.29
N GLY B 8 -6.72 -1.41 37.51
CA GLY B 8 -7.82 -2.16 38.14
C GLY B 8 -7.61 -3.65 38.38
N VAL B 9 -6.38 -4.14 38.40
CA VAL B 9 -6.14 -5.56 38.60
C VAL B 9 -5.36 -5.69 39.89
N SER B 10 -5.84 -6.52 40.82
CA SER B 10 -5.23 -6.60 42.13
C SER B 10 -3.98 -7.45 42.08
N ASP B 11 -3.17 -7.35 43.14
CA ASP B 11 -1.91 -8.10 43.28
C ASP B 11 -2.06 -9.61 43.08
N GLU B 12 -3.18 -10.16 43.54
CA GLU B 12 -3.39 -11.60 43.42
C GLU B 12 -4.06 -12.01 42.11
N ARG B 13 -4.96 -11.19 41.54
CA ARG B 13 -5.45 -11.48 40.19
C ARG B 13 -4.24 -11.42 39.22
N PHE B 14 -3.33 -10.47 39.42
CA PHE B 14 -2.13 -10.36 38.60
C PHE B 14 -1.21 -11.57 38.75
N ASP B 15 -1.03 -12.02 40.00
CA ASP B 15 -0.18 -13.18 40.30
C ASP B 15 -0.76 -14.42 39.64
N ALA B 16 -2.07 -14.55 39.69
CA ALA B 16 -2.77 -15.66 39.04
C ALA B 16 -2.47 -15.65 37.52
N ALA B 17 -2.62 -14.48 36.91
CA ALA B 17 -2.42 -14.38 35.47
C ALA B 17 -0.96 -14.70 35.15
N LEU B 18 0.00 -14.21 35.95
CA LEU B 18 1.38 -14.52 35.69
C LEU B 18 1.64 -16.02 35.60
N GLN B 19 0.95 -16.77 36.48
CA GLN B 19 1.13 -18.19 36.58
C GLN B 19 0.56 -18.83 35.35
N ARG B 20 -0.61 -18.33 34.94
CA ARG B 20 -1.24 -18.77 33.68
C ARG B 20 -0.30 -18.52 32.47
N PHE B 21 0.32 -17.37 32.45
CA PHE B 21 1.27 -17.06 31.37
C PHE B 21 2.42 -18.01 31.44
N ARG B 22 2.91 -18.30 32.66
CA ARG B 22 4.03 -19.22 32.77
C ARG B 22 3.69 -20.61 32.25
N ASP B 23 2.46 -21.06 32.46
CA ASP B 23 2.01 -22.36 31.95
C ASP B 23 2.08 -22.41 30.41
N VAL B 24 1.80 -21.27 29.75
CA VAL B 24 1.86 -21.17 28.27
C VAL B 24 3.32 -21.19 27.83
N VAL B 25 4.09 -20.23 28.29
CA VAL B 25 5.44 -19.98 27.74
C VAL B 25 6.61 -20.62 28.46
N GLY B 26 6.39 -21.10 29.69
CA GLY B 26 7.49 -21.58 30.54
C GLY B 26 7.95 -20.51 31.48
N ASP B 27 8.45 -20.91 32.64
CA ASP B 27 8.86 -19.97 33.70
C ASP B 27 9.92 -18.96 33.35
N LYS B 28 10.97 -19.40 32.62
CA LYS B 28 12.10 -18.53 32.23
C LYS B 28 11.61 -17.32 31.41
N TRP B 29 10.47 -17.45 30.76
CA TRP B 29 10.06 -16.51 29.69
C TRP B 29 8.96 -15.54 30.11
N VAL B 30 8.75 -15.46 31.44
CA VAL B 30 7.90 -14.48 32.06
C VAL B 30 8.79 -13.77 33.05
N LEU B 31 9.00 -12.48 32.83
CA LEU B 31 9.74 -11.67 33.77
C LEU B 31 8.76 -10.82 34.52
N SER B 32 8.95 -10.64 35.83
CA SER B 32 8.08 -9.73 36.61
C SER B 32 8.68 -8.94 37.84
N THR B 33 10.00 -8.99 38.07
CA THR B 33 10.62 -8.31 39.20
C THR B 33 11.14 -6.96 38.77
N ALA B 34 11.20 -6.02 39.71
CA ALA B 34 11.75 -4.69 39.43
C ALA B 34 13.04 -4.78 38.65
N ASP B 35 13.95 -5.66 39.05
CA ASP B 35 15.26 -5.75 38.37
C ASP B 35 15.19 -6.27 36.94
N GLU B 36 14.38 -7.28 36.67
CA GLU B 36 14.22 -7.77 35.31
C GLU B 36 13.58 -6.69 34.40
N LEU B 37 12.66 -5.90 34.97
CA LEU B 37 11.88 -4.98 34.20
C LEU B 37 12.57 -3.69 33.90
N GLU B 38 13.68 -3.40 34.58
CA GLU B 38 14.41 -2.15 34.32
C GLU B 38 14.87 -2.05 32.91
N ALA B 39 15.25 -3.17 32.33
CA ALA B 39 15.72 -3.20 30.98
C ALA B 39 14.60 -2.95 29.93
N PHE B 40 13.33 -2.95 30.33
CA PHE B 40 12.21 -2.71 29.40
C PHE B 40 11.54 -1.36 29.56
N ARG B 41 12.12 -0.52 30.45
CA ARG B 41 11.84 0.89 30.55
C ARG B 41 12.39 1.61 29.31
N ASP B 42 11.80 2.73 28.93
CA ASP B 42 12.29 3.53 27.83
C ASP B 42 13.74 3.87 28.13
N PRO B 43 14.66 3.51 27.25
CA PRO B 43 16.04 3.92 27.54
C PRO B 43 16.25 5.43 27.41
N TYR B 44 15.33 6.16 26.75
CA TYR B 44 15.51 7.60 26.53
C TYR B 44 14.28 8.25 27.12
N PRO B 45 14.19 8.26 28.47
CA PRO B 45 12.95 8.72 29.11
C PRO B 45 12.68 10.20 28.82
N VAL B 46 11.39 10.49 28.74
CA VAL B 46 10.91 11.79 28.39
C VAL B 46 9.98 12.19 29.52
N GLY B 47 10.09 13.45 29.95
CA GLY B 47 9.33 13.94 31.12
C GLY B 47 10.07 13.64 32.44
N ALA B 48 9.95 14.52 33.42
CA ALA B 48 10.61 14.30 34.69
C ALA B 48 10.02 13.07 35.37
N ALA B 49 8.70 12.88 35.31
CA ALA B 49 8.02 11.82 36.06
C ALA B 49 8.14 10.46 35.36
N GLU B 50 8.13 9.36 36.12
CA GLU B 50 8.24 8.05 35.52
C GLU B 50 6.91 7.70 34.80
N ALA B 51 7.04 7.14 33.63
CA ALA B 51 5.91 6.88 32.79
C ALA B 51 6.10 5.50 32.17
N ASN B 52 5.09 4.97 31.50
CA ASN B 52 5.32 3.80 30.63
C ASN B 52 6.01 2.63 31.33
N LEU B 53 5.46 2.25 32.49
CA LEU B 53 6.00 1.18 33.27
C LEU B 53 5.36 -0.12 32.90
N PRO B 54 6.15 -1.12 32.58
CA PRO B 54 5.57 -2.39 32.33
C PRO B 54 5.39 -3.21 33.60
N SER B 55 4.35 -4.03 33.65
CA SER B 55 4.10 -4.89 34.81
C SER B 55 4.73 -6.28 34.67
N ALA B 56 5.04 -6.68 33.42
CA ALA B 56 5.65 -7.98 33.16
C ALA B 56 6.07 -8.03 31.67
N VAL B 57 6.89 -9.03 31.32
CA VAL B 57 7.27 -9.26 29.94
C VAL B 57 7.03 -10.76 29.72
N VAL B 58 6.33 -11.13 28.65
CA VAL B 58 6.08 -12.47 28.29
C VAL B 58 6.68 -12.76 26.94
N SER B 59 7.42 -13.87 26.80
CA SER B 59 8.16 -14.17 25.58
C SER B 59 7.71 -15.44 24.95
N PRO B 60 6.73 -15.37 24.03
CA PRO B 60 6.21 -16.60 23.47
C PRO B 60 7.11 -17.18 22.42
N GLU B 61 7.00 -18.48 22.20
CA GLU B 61 7.79 -19.11 21.16
C GLU B 61 7.08 -19.45 19.85
N SER B 62 5.77 -19.34 19.82
CA SER B 62 4.95 -19.70 18.68
C SER B 62 3.67 -18.85 18.63
N THR B 63 3.00 -18.90 17.48
CA THR B 63 1.72 -18.24 17.32
C THR B 63 0.70 -18.76 18.30
N GLU B 64 0.68 -20.07 18.50
CA GLU B 64 -0.29 -20.72 19.42
C GLU B 64 -0.11 -20.18 20.82
N GLN B 65 1.12 -20.02 21.24
CA GLN B 65 1.38 -19.41 22.57
C GLN B 65 0.89 -17.97 22.63
N VAL B 66 1.07 -17.23 21.53
CA VAL B 66 0.50 -15.87 21.44
C VAL B 66 -1.02 -15.91 21.58
N GLN B 67 -1.69 -16.83 20.92
CA GLN B 67 -3.15 -16.89 21.02
C GLN B 67 -3.57 -17.20 22.47
N ASP B 68 -2.82 -18.09 23.14
CA ASP B 68 -3.15 -18.43 24.56
C ASP B 68 -2.91 -17.25 25.53
N ILE B 69 -1.80 -16.56 25.39
CA ILE B 69 -1.57 -15.34 26.15
C ILE B 69 -2.67 -14.32 25.99
N VAL B 70 -3.06 -14.11 24.73
CA VAL B 70 -4.17 -13.23 24.47
C VAL B 70 -5.46 -13.66 25.17
N ARG B 71 -5.83 -14.91 25.05
CA ARG B 71 -7.05 -15.39 25.73
C ARG B 71 -7.01 -15.21 27.26
N ILE B 72 -5.89 -15.57 27.85
CA ILE B 72 -5.64 -15.35 29.31
C ILE B 72 -5.84 -13.89 29.66
N ALA B 73 -5.23 -13.01 28.85
CA ALA B 73 -5.34 -11.61 29.07
C ALA B 73 -6.75 -11.04 29.03
N ASN B 74 -7.53 -11.52 28.08
CA ASN B 74 -8.94 -11.18 27.95
C ASN B 74 -9.68 -11.62 29.26
N GLU B 75 -9.37 -12.80 29.76
CA GLU B 75 -10.05 -13.36 30.95
C GLU B 75 -9.83 -12.48 32.17
N TYR B 76 -8.63 -11.92 32.30
CA TYR B 76 -8.23 -11.12 33.46
C TYR B 76 -8.33 -9.62 33.22
N GLY B 77 -8.58 -9.19 31.99
CA GLY B 77 -8.56 -7.75 31.71
C GLY B 77 -7.17 -7.13 31.74
N ILE B 78 -6.15 -7.89 31.43
CA ILE B 78 -4.81 -7.38 31.42
C ILE B 78 -4.34 -6.85 30.06
N PRO B 79 -3.92 -5.57 30.01
CA PRO B 79 -3.49 -5.08 28.73
C PRO B 79 -2.16 -5.67 28.29
N LEU B 80 -2.03 -5.92 26.98
CA LEU B 80 -0.84 -6.52 26.36
C LEU B 80 -0.27 -5.59 25.34
N SER B 81 1.03 -5.39 25.37
CA SER B 81 1.69 -4.44 24.53
C SER B 81 2.73 -5.20 23.71
N PRO B 82 2.40 -5.50 22.43
CA PRO B 82 3.33 -6.29 21.66
C PRO B 82 4.45 -5.50 21.07
N VAL B 83 5.63 -6.10 21.10
CA VAL B 83 6.83 -5.62 20.45
C VAL B 83 7.50 -6.80 19.73
N SER B 84 8.40 -6.45 18.83
CA SER B 84 9.14 -7.45 18.11
C SER B 84 10.44 -7.59 18.89
N THR B 85 11.39 -6.72 18.62
CA THR B 85 12.69 -6.68 19.36
C THR B 85 12.67 -5.60 20.43
N GLY B 86 11.74 -4.68 20.34
CA GLY B 86 11.61 -3.63 21.32
C GLY B 86 12.69 -2.57 21.27
N LYS B 87 13.22 -2.25 20.10
CA LYS B 87 14.25 -1.26 19.96
C LYS B 87 13.74 0.05 19.37
N ASN B 88 12.48 0.42 19.67
CA ASN B 88 11.87 1.65 19.13
C ASN B 88 12.34 2.92 19.87
N ASN B 89 13.65 3.06 19.97
CA ASN B 89 14.23 4.14 20.71
C ASN B 89 14.11 5.43 19.93
N GLY B 90 13.74 6.49 20.65
CA GLY B 90 13.29 7.76 20.04
C GLY B 90 11.78 7.88 20.16
N TYR B 91 11.09 6.77 20.30
CA TYR B 91 9.64 6.72 20.33
C TYR B 91 9.04 5.97 21.53
N GLY B 92 9.90 5.56 22.45
CA GLY B 92 9.47 4.81 23.64
C GLY B 92 10.27 3.56 23.96
N GLY B 93 11.11 3.09 23.05
CA GLY B 93 11.82 1.83 23.26
C GLY B 93 10.83 0.66 23.26
N ALA B 94 10.89 -0.22 24.27
CA ALA B 94 9.96 -1.31 24.39
C ALA B 94 8.83 -0.95 25.32
N ALA B 95 8.86 0.24 25.92
CA ALA B 95 7.95 0.57 27.00
C ALA B 95 6.56 0.73 26.46
N PRO B 96 5.56 0.26 27.21
CA PRO B 96 4.15 0.43 26.82
C PRO B 96 3.62 1.85 26.99
N ARG B 97 2.65 2.22 26.14
CA ARG B 97 1.99 3.49 26.29
C ARG B 97 1.25 3.54 27.61
N LEU B 98 0.51 2.50 27.95
CA LEU B 98 -0.24 2.43 29.18
C LEU B 98 0.58 1.72 30.26
N SER B 99 0.90 2.44 31.32
CA SER B 99 1.55 1.83 32.50
C SER B 99 0.72 0.73 33.06
N GLY B 100 1.41 -0.34 33.40
CA GLY B 100 0.77 -1.57 33.87
C GLY B 100 0.53 -2.66 32.86
N SER B 101 0.73 -2.37 31.56
CA SER B 101 0.57 -3.42 30.52
C SER B 101 1.73 -4.39 30.57
N VAL B 102 1.42 -5.61 30.16
CA VAL B 102 2.42 -6.66 29.94
C VAL B 102 3.03 -6.51 28.55
N ILE B 103 4.36 -6.48 28.44
CA ILE B 103 5.01 -6.49 27.13
C ILE B 103 4.98 -7.94 26.64
N VAL B 104 4.55 -8.14 25.39
CA VAL B 104 4.65 -9.42 24.70
C VAL B 104 5.80 -9.23 23.74
N LYS B 105 6.94 -9.87 24.08
CA LYS B 105 8.17 -9.62 23.37
C LYS B 105 8.22 -10.76 22.40
N THR B 106 7.55 -10.56 21.24
CA THR B 106 7.43 -11.66 20.30
C THR B 106 8.82 -12.09 19.79
N GLY B 107 9.74 -11.18 19.66
CA GLY B 107 10.98 -11.47 18.98
C GLY B 107 12.09 -12.22 19.67
N GLU B 108 12.01 -12.25 21.01
CA GLU B 108 12.92 -13.05 21.83
C GLU B 108 13.00 -14.52 21.35
N ARG B 109 11.91 -15.23 21.16
CA ARG B 109 12.00 -16.58 20.65
C ARG B 109 11.33 -16.82 19.30
N MET B 110 10.49 -15.90 18.83
CA MET B 110 9.92 -16.03 17.48
C MET B 110 10.87 -15.26 16.60
N ASN B 111 11.97 -15.91 16.29
CA ASN B 111 13.02 -15.25 15.59
C ASN B 111 13.49 -15.99 14.36
N ARG B 112 12.67 -16.85 13.77
CA ARG B 112 13.12 -17.61 12.58
C ARG B 112 12.96 -16.84 11.29
N ILE B 113 13.93 -17.04 10.41
CA ILE B 113 13.81 -16.70 9.02
C ILE B 113 13.06 -17.87 8.42
N LEU B 114 11.79 -17.71 8.10
CA LEU B 114 11.00 -18.84 7.62
C LEU B 114 11.26 -19.14 6.21
N GLU B 115 11.48 -18.14 5.37
CA GLU B 115 11.88 -18.38 3.98
C GLU B 115 12.61 -17.19 3.42
N VAL B 116 13.66 -17.41 2.63
CA VAL B 116 14.14 -16.34 1.78
C VAL B 116 14.08 -16.95 0.40
N ASN B 117 13.31 -16.36 -0.52
CA ASN B 117 13.12 -16.94 -1.82
C ASN B 117 13.93 -16.12 -2.79
N GLU B 118 15.05 -16.70 -3.31
CA GLU B 118 15.94 -16.06 -4.28
C GLU B 118 15.28 -15.72 -5.61
N LYS B 119 14.43 -16.60 -6.07
CA LYS B 119 13.83 -16.50 -7.38
C LYS B 119 12.84 -15.31 -7.40
N TYR B 120 11.92 -15.27 -6.45
CA TYR B 120 10.91 -14.23 -6.40
C TYR B 120 11.30 -13.03 -5.54
N GLY B 121 12.48 -13.06 -4.94
CA GLY B 121 12.99 -11.90 -4.20
C GLY B 121 12.14 -11.54 -3.01
N TYR B 122 12.00 -12.43 -2.03
CA TYR B 122 11.31 -12.07 -0.79
C TYR B 122 11.78 -12.87 0.39
N ALA B 123 11.31 -12.45 1.55
CA ALA B 123 11.57 -13.16 2.82
C ALA B 123 10.28 -13.28 3.56
N LEU B 124 10.07 -14.39 4.26
CA LEU B 124 8.98 -14.50 5.19
C LEU B 124 9.66 -14.60 6.57
N LEU B 125 9.27 -13.72 7.50
CA LEU B 125 10.02 -13.54 8.75
C LEU B 125 9.15 -13.53 9.96
N GLU B 126 9.70 -14.04 11.04
CA GLU B 126 9.13 -13.88 12.38
C GLU B 126 9.65 -12.56 12.95
N PRO B 127 9.04 -12.07 14.02
CA PRO B 127 9.38 -10.71 14.42
C PRO B 127 10.80 -10.54 14.97
N GLY B 128 11.45 -11.62 15.36
CA GLY B 128 12.70 -11.49 16.05
C GLY B 128 13.86 -11.40 15.13
N VAL B 129 13.63 -11.49 13.82
CA VAL B 129 14.72 -11.36 12.89
C VAL B 129 15.19 -9.89 12.81
N THR B 130 16.44 -9.64 13.14
CA THR B 130 16.97 -8.29 13.06
C THR B 130 17.53 -8.11 11.66
N TYR B 131 17.84 -6.90 11.33
CA TYR B 131 18.53 -6.62 10.09
C TYR B 131 19.88 -7.26 10.04
N PHE B 132 20.61 -7.34 11.15
CA PHE B 132 21.87 -8.09 11.20
C PHE B 132 21.64 -9.57 10.93
N ASP B 133 20.57 -10.13 11.47
CA ASP B 133 20.29 -11.55 11.30
C ASP B 133 20.07 -11.83 9.81
N LEU B 134 19.26 -10.96 9.19
CA LEU B 134 18.90 -11.16 7.79
C LEU B 134 20.07 -10.97 6.91
N TYR B 135 20.85 -9.94 7.16
CA TYR B 135 22.11 -9.74 6.46
C TYR B 135 23.06 -10.96 6.52
N GLU B 136 23.23 -11.53 7.72
CA GLU B 136 24.07 -12.74 7.88
C GLU B 136 23.55 -13.93 7.08
N TYR B 137 22.25 -14.17 7.09
CA TYR B 137 21.64 -15.19 6.29
C TYR B 137 21.99 -14.99 4.80
N LEU B 138 21.73 -13.79 4.28
CA LEU B 138 21.95 -13.46 2.88
C LEU B 138 23.42 -13.61 2.49
N GLN B 139 24.33 -13.11 3.30
CA GLN B 139 25.79 -13.34 3.12
C GLN B 139 26.19 -14.82 3.11
N SER B 140 25.79 -15.56 4.14
CA SER B 140 25.99 -17.00 4.25
C SER B 140 25.57 -17.78 3.06
N HIS B 141 24.45 -17.40 2.42
CA HIS B 141 23.88 -18.16 1.33
C HIS B 141 24.31 -17.57 0.02
N ASP B 142 25.22 -16.62 0.07
CA ASP B 142 25.68 -15.92 -1.09
C ASP B 142 24.49 -15.39 -1.94
N SER B 143 23.46 -14.90 -1.27
CA SER B 143 22.27 -14.41 -1.96
C SER B 143 22.51 -13.34 -3.03
N GLY B 144 21.70 -13.28 -4.08
CA GLY B 144 21.70 -12.12 -4.95
C GLY B 144 20.78 -10.98 -4.52
N LEU B 145 20.22 -11.10 -3.32
CA LEU B 145 19.31 -10.12 -2.75
C LEU B 145 19.96 -9.21 -1.73
N MET B 146 19.37 -8.04 -1.54
CA MET B 146 19.81 -7.15 -0.50
C MET B 146 18.64 -6.72 0.36
N LEU B 147 18.92 -6.44 1.61
CA LEU B 147 17.91 -5.86 2.45
C LEU B 147 17.93 -4.35 2.38
N ASP B 148 16.92 -3.81 3.01
CA ASP B 148 16.83 -2.39 3.22
C ASP B 148 16.73 -2.16 4.74
N CYS B 149 17.70 -1.44 5.32
CA CYS B 149 17.77 -1.24 6.75
C CYS B 149 17.67 0.22 7.14
N PRO B 150 17.13 0.46 8.33
CA PRO B 150 17.16 1.77 8.95
C PRO B 150 18.62 2.04 9.41
N ASP B 151 18.84 3.18 10.03
CA ASP B 151 20.18 3.58 10.50
C ASP B 151 20.84 2.62 11.47
N LEU B 152 20.05 1.96 12.31
CA LEU B 152 20.54 1.00 13.28
C LEU B 152 20.02 -0.39 12.97
N GLY B 153 20.91 -1.36 12.74
CA GLY B 153 20.51 -2.69 12.30
C GLY B 153 20.00 -3.65 13.34
N TRP B 154 19.94 -3.22 14.61
CA TRP B 154 19.58 -4.11 15.67
C TRP B 154 18.10 -4.21 15.86
N GLY B 155 17.33 -3.52 15.06
CA GLY B 155 15.89 -3.63 15.18
C GLY B 155 15.43 -4.77 14.30
N SER B 156 14.12 -4.88 14.19
CA SER B 156 13.42 -6.00 13.65
C SER B 156 12.89 -5.57 12.28
N VAL B 157 13.07 -6.47 11.29
CA VAL B 157 12.54 -6.21 9.94
C VAL B 157 11.02 -6.01 10.06
N VAL B 158 10.39 -6.86 10.81
CA VAL B 158 8.95 -6.74 11.10
C VAL B 158 8.56 -5.57 11.95
N GLY B 159 9.24 -5.43 13.09
CA GLY B 159 8.90 -4.39 14.05
C GLY B 159 8.93 -3.01 13.42
N ASN B 160 10.01 -2.76 12.70
CA ASN B 160 10.18 -1.49 12.04
C ASN B 160 9.09 -1.20 10.97
N THR B 161 8.82 -2.20 10.16
CA THR B 161 7.72 -2.10 9.17
C THR B 161 6.37 -1.79 9.86
N LEU B 162 6.10 -2.46 10.98
CA LEU B 162 4.84 -2.22 11.66
C LEU B 162 4.68 -0.82 12.24
N ASP B 163 5.76 -0.05 12.37
CA ASP B 163 5.63 1.35 12.77
C ASP B 163 5.85 2.26 11.57
N ARG B 164 5.85 1.66 10.37
CA ARG B 164 6.06 2.35 9.10
C ARG B 164 7.36 3.12 9.07
N GLY B 165 8.39 2.41 9.50
CA GLY B 165 9.73 2.93 9.56
C GLY B 165 10.31 2.91 8.13
N VAL B 166 11.49 3.44 8.01
CA VAL B 166 12.07 3.71 6.71
C VAL B 166 13.54 3.39 6.66
N GLY B 167 13.96 3.07 5.48
CA GLY B 167 15.35 2.95 5.20
C GLY B 167 15.64 3.63 3.90
N TYR B 168 16.78 3.29 3.30
CA TYR B 168 17.41 4.24 2.35
C TYR B 168 17.80 3.69 1.01
N THR B 169 17.52 2.43 0.74
CA THR B 169 17.63 1.93 -0.63
C THR B 169 16.36 2.29 -1.43
N PRO B 170 16.30 1.85 -2.70
CA PRO B 170 15.03 2.06 -3.44
C PRO B 170 13.85 1.29 -2.83
N TYR B 171 14.12 0.30 -1.98
CA TYR B 171 13.12 -0.36 -1.14
C TYR B 171 12.95 0.26 0.27
N GLY B 172 13.24 1.55 0.36
CA GLY B 172 13.20 2.26 1.63
C GLY B 172 11.86 2.43 2.30
N ASP B 173 10.79 2.46 1.53
CA ASP B 173 9.48 2.51 2.16
C ASP B 173 9.12 1.09 2.61
N HIS B 174 9.34 0.75 3.88
CA HIS B 174 9.25 -0.66 4.27
C HIS B 174 7.83 -1.20 4.16
N PHE B 175 6.90 -0.42 4.59
CA PHE B 175 5.51 -0.84 4.49
C PHE B 175 5.11 -1.07 3.05
N MET B 176 5.59 -0.25 2.13
CA MET B 176 5.28 -0.48 0.71
C MET B 176 5.68 -1.92 0.25
N TRP B 177 6.82 -2.42 0.72
CA TRP B 177 7.30 -3.74 0.32
C TRP B 177 6.81 -4.89 1.20
N GLN B 178 6.09 -4.59 2.27
CA GLN B 178 5.47 -5.66 3.06
C GLN B 178 4.43 -6.39 2.22
N THR B 179 4.47 -7.71 2.28
CA THR B 179 3.61 -8.56 1.50
C THR B 179 3.22 -9.74 2.39
N GLY B 180 2.00 -9.69 2.90
CA GLY B 180 1.42 -10.79 3.67
C GLY B 180 1.78 -10.68 5.15
N LEU B 181 0.80 -10.91 5.99
CA LEU B 181 1.05 -11.11 7.40
C LEU B 181 0.17 -12.11 8.06
N GLU B 182 0.65 -12.57 9.23
CA GLU B 182 -0.14 -13.40 10.14
C GLU B 182 -0.25 -12.56 11.44
N VAL B 183 -1.48 -12.47 11.92
CA VAL B 183 -1.81 -11.71 13.09
C VAL B 183 -2.78 -12.45 14.00
N VAL B 184 -2.52 -12.30 15.28
CA VAL B 184 -3.44 -12.68 16.32
C VAL B 184 -4.25 -11.47 16.72
N LEU B 185 -5.55 -11.62 16.47
CA LEU B 185 -6.52 -10.60 16.74
C LEU B 185 -6.83 -10.49 18.25
N PRO B 186 -7.47 -9.39 18.68
CA PRO B 186 -7.46 -9.16 20.11
C PRO B 186 -8.19 -10.14 21.05
N GLN B 187 -8.99 -11.05 20.52
CA GLN B 187 -9.57 -12.12 21.33
C GLN B 187 -8.91 -13.49 21.15
N GLY B 188 -7.81 -13.53 20.42
CA GLY B 188 -7.05 -14.75 20.23
C GLY B 188 -7.22 -15.48 18.90
N GLU B 189 -8.06 -15.01 17.99
CA GLU B 189 -8.22 -15.67 16.69
C GLU B 189 -6.95 -15.34 15.89
N VAL B 190 -6.50 -16.25 15.04
CA VAL B 190 -5.34 -16.02 14.16
C VAL B 190 -5.89 -15.84 12.72
N MET B 191 -5.29 -14.95 11.96
CA MET B 191 -5.74 -14.64 10.60
C MET B 191 -4.50 -14.37 9.73
N ARG B 192 -4.57 -14.78 8.45
CA ARG B 192 -3.55 -14.43 7.46
C ARG B 192 -4.18 -13.52 6.43
N THR B 193 -3.42 -12.50 6.04
CA THR B 193 -3.89 -11.54 5.06
C THR B 193 -3.44 -11.92 3.66
N GLY B 194 -4.07 -11.30 2.68
CA GLY B 194 -3.69 -11.48 1.31
C GLY B 194 -3.90 -12.90 0.81
N MET B 195 -2.90 -13.40 0.05
CA MET B 195 -3.00 -14.72 -0.51
C MET B 195 -2.73 -15.76 0.54
N GLY B 196 -2.30 -15.35 1.75
CA GLY B 196 -2.13 -16.34 2.82
C GLY B 196 -3.43 -16.85 3.38
N ALA B 197 -4.49 -16.12 3.14
CA ALA B 197 -5.85 -16.58 3.49
C ALA B 197 -6.37 -17.71 2.61
N LEU B 198 -5.73 -17.88 1.47
CA LEU B 198 -5.98 -19.00 0.59
C LEU B 198 -5.12 -20.23 0.91
N PRO B 199 -5.74 -21.27 1.50
CA PRO B 199 -4.92 -22.41 1.95
C PRO B 199 -4.10 -23.04 0.82
N GLY B 200 -2.79 -23.22 1.05
CA GLY B 200 -1.89 -23.75 0.06
C GLY B 200 -1.38 -22.79 -1.01
N SER B 201 -1.70 -21.51 -0.93
CA SER B 201 -1.18 -20.58 -1.92
C SER B 201 0.35 -20.42 -1.72
N ASP B 202 1.09 -20.28 -2.81
CA ASP B 202 2.54 -19.90 -2.81
C ASP B 202 2.71 -18.42 -3.08
N ALA B 203 1.62 -17.69 -3.03
CA ALA B 203 1.66 -16.33 -3.40
C ALA B 203 1.50 -15.35 -2.24
N TRP B 204 1.61 -15.82 -1.00
CA TRP B 204 1.55 -14.94 0.13
C TRP B 204 2.49 -13.74 0.05
N GLN B 205 3.71 -13.97 -0.40
CA GLN B 205 4.67 -12.94 -0.51
C GLN B 205 4.78 -12.41 -1.96
N LEU B 206 3.87 -12.83 -2.82
CA LEU B 206 3.90 -12.43 -4.20
C LEU B 206 2.91 -11.37 -4.57
N PHE B 207 1.66 -11.48 -4.07
CA PHE B 207 0.60 -10.53 -4.35
C PHE B 207 -0.03 -10.06 -3.03
N PRO B 208 0.15 -8.78 -2.68
CA PRO B 208 -0.19 -8.37 -1.34
C PRO B 208 -1.71 -8.33 -1.04
N TYR B 209 -2.55 -8.13 -2.05
CA TYR B 209 -3.90 -7.68 -1.74
C TYR B 209 -4.83 -8.80 -1.43
N GLY B 210 -4.65 -9.96 -2.00
CA GLY B 210 -5.67 -10.94 -1.89
C GLY B 210 -7.02 -10.46 -2.49
N PHE B 211 -8.10 -10.76 -1.81
CA PHE B 211 -9.46 -10.53 -2.28
C PHE B 211 -10.24 -9.87 -1.21
N GLY B 212 -11.09 -8.91 -1.58
CA GLY B 212 -11.85 -8.16 -0.62
C GLY B 212 -11.09 -7.02 0.03
N PRO B 213 -11.63 -6.48 1.13
CA PRO B 213 -11.03 -5.30 1.71
C PRO B 213 -9.62 -5.60 2.15
N PHE B 214 -8.72 -4.68 1.88
CA PHE B 214 -7.30 -4.94 2.11
C PHE B 214 -6.91 -4.39 3.47
N PRO B 215 -6.59 -5.25 4.41
CA PRO B 215 -6.44 -4.75 5.80
C PRO B 215 -5.02 -4.49 6.35
N ASP B 216 -3.96 -4.89 5.65
CA ASP B 216 -2.60 -4.98 6.29
C ASP B 216 -2.18 -3.65 6.91
N GLY B 217 -2.48 -2.56 6.24
CA GLY B 217 -2.28 -1.21 6.75
C GLY B 217 -2.82 -0.93 8.12
N MET B 218 -3.97 -1.57 8.41
CA MET B 218 -4.64 -1.45 9.69
C MET B 218 -3.89 -2.06 10.86
N PHE B 219 -2.89 -2.88 10.56
CA PHE B 219 -2.01 -3.45 11.56
C PHE B 219 -0.70 -2.72 11.71
N THR B 220 -0.56 -1.57 11.07
CA THR B 220 0.61 -0.71 11.22
C THR B 220 0.20 0.53 12.05
N GLN B 221 1.12 0.97 12.91
CA GLN B 221 0.90 2.00 13.94
C GLN B 221 -0.41 1.79 14.69
N SER B 222 -0.58 0.57 15.13
CA SER B 222 -1.88 0.02 15.44
C SER B 222 -1.95 -0.85 16.66
N ASN B 223 -3.12 -0.99 17.23
CA ASN B 223 -3.30 -1.88 18.37
C ASN B 223 -4.42 -2.91 18.07
N LEU B 224 -4.50 -3.36 16.83
CA LEU B 224 -5.49 -4.33 16.43
C LEU B 224 -5.07 -5.75 16.46
N GLY B 225 -3.83 -6.02 16.80
CA GLY B 225 -3.40 -7.40 16.91
C GLY B 225 -1.95 -7.56 17.23
N ILE B 226 -1.56 -8.80 17.38
CA ILE B 226 -0.14 -9.13 17.58
C ILE B 226 0.29 -9.86 16.34
N VAL B 227 1.22 -9.26 15.62
CA VAL B 227 1.72 -9.85 14.40
C VAL B 227 2.79 -10.92 14.71
N THR B 228 2.67 -12.04 14.05
CA THR B 228 3.51 -13.25 14.26
C THR B 228 4.37 -13.68 13.08
N LYS B 229 3.97 -13.29 11.86
CA LYS B 229 4.70 -13.56 10.65
C LYS B 229 4.45 -12.35 9.72
N MET B 230 5.46 -11.94 8.98
CA MET B 230 5.30 -10.94 7.95
C MET B 230 6.22 -11.28 6.77
N GLY B 231 5.73 -11.14 5.55
CA GLY B 231 6.59 -11.09 4.38
C GLY B 231 7.08 -9.68 3.95
N ILE B 232 8.22 -9.64 3.31
CA ILE B 232 8.78 -8.44 2.73
C ILE B 232 9.52 -8.79 1.42
N ALA B 233 9.21 -8.01 0.36
CA ALA B 233 9.97 -8.07 -0.86
C ALA B 233 11.43 -7.61 -0.62
N LEU B 234 12.36 -8.24 -1.30
CA LEU B 234 13.78 -7.94 -1.26
C LEU B 234 14.25 -7.59 -2.65
N MET B 235 14.93 -6.47 -2.78
CA MET B 235 15.55 -6.04 -4.02
C MET B 235 16.75 -6.91 -4.42
N GLN B 236 16.94 -7.04 -5.72
CA GLN B 236 18.16 -7.61 -6.25
C GLN B 236 19.35 -6.68 -6.06
N ARG B 237 20.49 -7.20 -5.62
CA ARG B 237 21.69 -6.37 -5.49
C ARG B 237 22.15 -5.97 -6.89
N PRO B 238 22.38 -4.68 -7.13
CA PRO B 238 22.89 -4.25 -8.42
C PRO B 238 24.38 -4.61 -8.59
N PRO B 239 24.90 -4.50 -9.80
CA PRO B 239 26.26 -4.98 -10.00
C PRO B 239 27.32 -4.04 -9.39
N ALA B 240 26.97 -2.77 -9.20
CA ALA B 240 27.88 -1.73 -8.76
C ALA B 240 27.05 -0.59 -8.08
N SER B 241 27.72 0.14 -7.19
CA SER B 241 27.12 1.28 -6.50
C SER B 241 28.17 2.37 -6.19
N GLN B 242 27.73 3.59 -5.97
CA GLN B 242 28.62 4.64 -5.60
C GLN B 242 27.87 5.61 -4.77
N SER B 243 28.41 6.01 -3.64
CA SER B 243 27.74 6.95 -2.78
C SER B 243 28.43 8.27 -2.85
N PHE B 244 27.72 9.32 -2.53
CA PHE B 244 28.32 10.63 -2.58
C PHE B 244 27.76 11.52 -1.47
N LEU B 245 28.57 12.56 -1.18
CA LEU B 245 28.24 13.61 -0.26
C LEU B 245 28.27 14.92 -1.03
N ILE B 246 27.28 15.76 -0.84
CA ILE B 246 27.36 17.16 -1.26
C ILE B 246 27.31 17.98 0.02
N THR B 247 28.35 18.78 0.27
CA THR B 247 28.34 19.76 1.39
C THR B 247 27.85 21.11 0.91
N PHE B 248 26.98 21.73 1.69
CA PHE B 248 26.49 23.09 1.40
C PHE B 248 26.82 23.95 2.61
N ASP B 249 27.38 25.11 2.37
CA ASP B 249 27.94 25.94 3.43
C ASP B 249 26.92 26.59 4.34
N LYS B 250 25.79 27.09 3.83
CA LYS B 250 24.92 27.95 4.65
C LYS B 250 23.63 27.28 5.15
N GLU B 251 23.22 27.54 6.42
CA GLU B 251 21.85 27.34 6.90
C GLU B 251 20.82 27.63 5.82
N GLU B 252 21.00 28.78 5.16
CA GLU B 252 20.08 29.34 4.18
C GLU B 252 19.97 28.55 2.88
N ASP B 253 20.87 27.60 2.65
CA ASP B 253 20.85 26.81 1.38
C ASP B 253 19.75 25.76 1.33
N LEU B 254 19.18 25.42 2.47
CA LEU B 254 18.14 24.39 2.56
C LEU B 254 17.09 24.57 1.43
N GLU B 255 16.49 25.76 1.29
CA GLU B 255 15.45 26.01 0.28
C GLU B 255 15.92 25.60 -1.14
N GLN B 256 17.03 26.14 -1.57
CA GLN B 256 17.53 25.80 -2.90
C GLN B 256 17.91 24.33 -3.04
N ILE B 257 18.45 23.69 -1.99
CA ILE B 257 18.80 22.28 -2.08
C ILE B 257 17.51 21.46 -2.38
N VAL B 258 16.46 21.72 -1.62
CA VAL B 258 15.22 20.97 -1.74
C VAL B 258 14.55 21.22 -3.14
N ASP B 259 14.52 22.47 -3.57
CA ASP B 259 13.99 22.77 -4.91
C ASP B 259 14.72 22.21 -6.07
N ILE B 260 16.04 22.09 -5.97
CA ILE B 260 16.83 21.45 -6.98
C ILE B 260 16.64 19.93 -6.95
N MET B 261 16.56 19.36 -5.76
CA MET B 261 16.44 17.96 -5.57
C MET B 261 15.16 17.38 -6.23
N LEU B 262 14.02 18.04 -6.06
CA LEU B 262 12.70 17.46 -6.45
C LEU B 262 12.66 16.87 -7.85
N PRO B 263 12.96 17.68 -8.86
CA PRO B 263 12.93 17.13 -10.18
C PRO B 263 13.93 16.03 -10.47
N LEU B 264 15.03 15.92 -9.71
CA LEU B 264 15.98 14.79 -9.89
C LEU B 264 15.59 13.52 -9.14
N ARG B 265 14.58 13.62 -8.27
CA ARG B 265 14.09 12.55 -7.44
C ARG B 265 12.72 12.02 -7.81
N ILE B 266 11.81 12.88 -8.23
CA ILE B 266 10.45 12.44 -8.41
C ILE B 266 10.25 11.24 -9.37
N ASN B 267 11.12 11.08 -10.38
CA ASN B 267 11.07 9.90 -11.23
C ASN B 267 12.06 8.84 -10.85
N MET B 268 12.60 8.85 -9.67
CA MET B 268 13.52 7.83 -9.22
C MET B 268 14.85 7.82 -9.93
N ALA B 269 15.19 8.87 -10.67
CA ALA B 269 16.47 8.95 -11.38
C ALA B 269 16.71 10.40 -11.76
N PRO B 270 17.92 10.95 -11.66
CA PRO B 270 19.14 10.27 -11.28
C PRO B 270 19.24 9.92 -9.77
N LEU B 271 18.41 10.51 -8.93
CA LEU B 271 18.38 10.16 -7.49
C LEU B 271 17.58 8.90 -7.22
N GLN B 272 18.27 7.77 -7.26
CA GLN B 272 17.70 6.43 -7.21
C GLN B 272 17.34 5.91 -5.83
N ASN B 273 18.12 6.31 -4.83
CA ASN B 273 17.98 5.85 -3.47
C ASN B 273 17.24 6.96 -2.76
N VAL B 274 17.02 6.77 -1.46
CA VAL B 274 16.34 7.74 -0.67
C VAL B 274 17.43 8.67 -0.20
N PRO B 275 17.57 9.82 -0.84
CA PRO B 275 18.55 10.76 -0.29
C PRO B 275 18.26 11.22 1.12
N VAL B 276 19.32 11.55 1.88
CA VAL B 276 19.14 12.18 3.15
C VAL B 276 19.85 13.53 3.17
N LEU B 277 19.22 14.51 3.79
CA LEU B 277 19.87 15.78 3.98
C LEU B 277 20.00 16.08 5.48
N ARG B 278 21.24 16.13 5.95
CA ARG B 278 21.53 16.12 7.39
C ARG B 278 22.24 17.46 7.71
N ASN B 279 21.88 18.06 8.84
CA ASN B 279 22.60 19.26 9.23
C ASN B 279 23.94 18.94 9.94
N ILE B 280 24.75 19.96 10.14
CA ILE B 280 26.03 19.75 10.83
C ILE B 280 25.86 19.15 12.24
N PHE B 281 24.77 19.48 12.95
CA PHE B 281 24.53 18.91 14.27
C PHE B 281 24.40 17.40 14.25
N MET B 282 23.68 16.90 13.24
CA MET B 282 23.50 15.47 13.10
C MET B 282 24.88 14.86 12.81
N ASP B 283 25.59 15.41 11.84
CA ASP B 283 26.84 14.81 11.42
C ASP B 283 27.96 14.95 12.45
N ALA B 284 28.02 16.06 13.15
CA ALA B 284 29.05 16.20 14.22
C ALA B 284 28.79 15.26 15.39
N ALA B 285 27.52 15.05 15.75
CA ALA B 285 27.21 14.17 16.84
C ALA B 285 27.53 12.70 16.57
N ALA B 286 27.51 12.31 15.31
CA ALA B 286 27.85 10.98 14.89
C ALA B 286 29.38 10.66 15.04
N VAL B 287 30.23 11.69 15.10
CA VAL B 287 31.69 11.53 15.13
C VAL B 287 32.40 12.28 16.29
N SER B 288 31.67 12.95 17.16
CA SER B 288 32.29 13.83 18.15
C SER B 288 31.34 14.19 19.25
N LYS B 289 31.92 14.67 20.35
CA LYS B 289 31.18 15.08 21.53
C LYS B 289 30.98 16.57 21.45
N ARG B 290 29.89 17.06 22.07
CA ARG B 290 29.52 18.49 22.04
C ARG B 290 30.64 19.38 22.64
N THR B 291 31.23 18.90 23.74
CA THR B 291 32.33 19.54 24.43
C THR B 291 33.58 19.70 23.56
N GLU B 292 33.70 18.97 22.48
CA GLU B 292 34.77 19.24 21.55
C GLU B 292 34.66 20.64 20.94
N TRP B 293 33.43 21.12 20.77
CA TRP B 293 33.17 22.36 20.03
C TRP B 293 32.71 23.48 20.95
N PHE B 294 32.06 23.14 22.06
CA PHE B 294 31.48 24.19 22.92
C PHE B 294 31.20 23.59 24.27
N ASP B 295 31.90 24.05 25.31
CA ASP B 295 31.47 23.84 26.70
C ASP B 295 30.60 25.04 27.03
N GLY B 296 29.47 24.83 27.68
CA GLY B 296 28.45 25.90 27.84
C GLY B 296 27.11 25.21 27.78
N ASP B 297 26.23 25.47 28.75
CA ASP B 297 24.93 24.80 28.85
C ASP B 297 23.98 25.30 27.74
N GLY B 298 24.20 26.49 27.15
CA GLY B 298 23.23 27.13 26.21
C GLY B 298 23.37 26.75 24.74
N PRO B 299 22.59 27.40 23.85
CA PRO B 299 22.74 27.21 22.36
C PRO B 299 24.16 27.42 21.86
N MET B 300 24.62 26.57 20.98
CA MET B 300 25.98 26.65 20.50
C MET B 300 26.14 27.94 19.70
N PRO B 301 27.11 28.81 20.07
CA PRO B 301 27.31 30.03 19.29
C PRO B 301 27.78 29.74 17.86
N ALA B 302 27.55 30.71 17.00
CA ALA B 302 27.89 30.64 15.59
C ALA B 302 29.36 30.27 15.23
N GLU B 303 30.34 30.79 15.99
CA GLU B 303 31.78 30.43 15.73
C GLU B 303 32.07 28.99 16.07
N ALA B 304 31.41 28.45 17.09
CA ALA B 304 31.54 27.03 17.41
C ALA B 304 30.95 26.16 16.28
N ILE B 305 29.86 26.64 15.66
CA ILE B 305 29.30 25.98 14.48
C ILE B 305 30.30 26.02 13.35
N GLU B 306 30.88 27.20 13.09
CA GLU B 306 31.88 27.30 12.04
C GLU B 306 33.04 26.34 12.24
N ARG B 307 33.45 26.11 13.49
CA ARG B 307 34.61 25.27 13.73
C ARG B 307 34.23 23.80 13.48
N MET B 308 33.02 23.38 13.89
CA MET B 308 32.46 22.07 13.52
C MET B 308 32.63 21.83 12.04
N LYS B 309 32.17 22.81 11.27
CA LYS B 309 32.23 22.73 9.81
C LYS B 309 33.62 22.64 9.26
N LYS B 310 34.45 23.56 9.72
CA LYS B 310 35.80 23.64 9.26
C LYS B 310 36.61 22.39 9.63
N ASP B 311 36.55 21.98 10.90
CA ASP B 311 37.29 20.80 11.33
C ASP B 311 36.85 19.48 10.67
N LEU B 312 35.54 19.28 10.53
CA LEU B 312 35.01 18.08 9.90
C LEU B 312 34.99 18.22 8.39
N ASP B 313 35.24 19.43 7.85
CA ASP B 313 35.21 19.69 6.40
C ASP B 313 33.80 19.31 5.85
N LEU B 314 32.78 19.82 6.51
CA LEU B 314 31.40 19.61 6.11
C LEU B 314 30.68 20.91 6.05
N GLY B 315 29.49 20.85 5.45
CA GLY B 315 28.61 21.96 5.36
C GLY B 315 27.68 22.05 6.51
N PHE B 316 26.91 23.12 6.55
CA PHE B 316 25.80 23.18 7.45
C PHE B 316 24.79 22.11 7.05
N TRP B 317 24.55 21.99 5.74
CA TRP B 317 23.72 20.91 5.18
C TRP B 317 24.57 19.97 4.33
N ASN B 318 24.42 18.67 4.57
CA ASN B 318 25.19 17.61 3.94
C ASN B 318 24.19 16.58 3.32
N PHE B 319 24.24 16.50 2.02
CA PHE B 319 23.33 15.64 1.22
C PHE B 319 24.04 14.37 0.88
N TYR B 320 23.43 13.25 1.24
CA TYR B 320 24.03 11.95 0.97
C TYR B 320 23.13 11.16 0.08
N GLY B 321 23.71 10.57 -0.95
CA GLY B 321 22.97 9.73 -1.84
C GLY B 321 23.84 8.60 -2.37
N THR B 322 23.17 7.62 -3.00
CA THR B 322 23.79 6.42 -3.56
C THR B 322 23.15 6.14 -4.93
N LEU B 323 24.00 5.81 -5.89
CA LEU B 323 23.60 5.44 -7.23
C LEU B 323 23.92 3.96 -7.42
N TYR B 324 23.10 3.27 -8.24
CA TYR B 324 23.21 1.84 -8.49
C TYR B 324 23.19 1.54 -9.95
N GLY B 325 23.93 0.55 -10.37
CA GLY B 325 23.81 0.08 -11.77
C GLY B 325 25.16 -0.24 -12.33
N PRO B 326 25.21 -0.56 -13.63
CA PRO B 326 26.52 -0.65 -14.21
C PRO B 326 27.19 0.74 -14.16
N PRO B 327 28.51 0.77 -14.17
CA PRO B 327 29.25 2.02 -14.11
C PRO B 327 28.90 3.12 -15.10
N PRO B 328 28.66 2.82 -16.39
CA PRO B 328 28.28 3.95 -17.27
C PRO B 328 26.99 4.72 -16.79
N LEU B 329 26.01 3.97 -16.26
CA LEU B 329 24.75 4.56 -15.73
C LEU B 329 25.06 5.44 -14.49
N ILE B 330 25.84 4.92 -13.57
CA ILE B 330 26.25 5.67 -12.36
C ILE B 330 26.92 6.98 -12.77
N GLU B 331 27.82 6.93 -13.76
CA GLU B 331 28.55 8.16 -14.19
C GLU B 331 27.62 9.20 -14.81
N MET B 332 26.74 8.75 -15.68
CA MET B 332 25.71 9.65 -16.28
C MET B 332 24.85 10.27 -15.19
N TYR B 333 24.37 9.47 -14.23
CA TYR B 333 23.53 10.00 -13.13
C TYR B 333 24.31 10.94 -12.16
N TYR B 334 25.55 10.58 -11.83
CA TYR B 334 26.36 11.44 -10.98
C TYR B 334 26.64 12.78 -11.68
N GLY B 335 26.93 12.71 -12.96
CA GLY B 335 27.14 13.89 -13.78
C GLY B 335 25.93 14.81 -13.70
N MET B 336 24.73 14.24 -13.85
CA MET B 336 23.54 15.07 -13.71
C MET B 336 23.40 15.69 -12.32
N ILE B 337 23.67 14.94 -11.28
CA ILE B 337 23.54 15.45 -9.92
C ILE B 337 24.51 16.60 -9.65
N LYS B 338 25.74 16.45 -10.12
CA LYS B 338 26.72 17.51 -9.99
C LYS B 338 26.34 18.77 -10.73
N GLU B 339 25.86 18.61 -11.94
CA GLU B 339 25.43 19.75 -12.73
C GLU B 339 24.29 20.53 -12.05
N ALA B 340 23.31 19.81 -11.52
CA ALA B 340 22.17 20.43 -10.88
C ALA B 340 22.54 21.10 -9.54
N PHE B 341 23.16 20.37 -8.62
CA PHE B 341 23.45 20.92 -7.30
C PHE B 341 24.66 21.92 -7.28
N GLY B 342 25.52 21.82 -8.29
CA GLY B 342 26.60 22.81 -8.45
C GLY B 342 26.13 24.21 -8.84
N LYS B 343 24.84 24.42 -9.12
CA LYS B 343 24.28 25.77 -9.19
C LYS B 343 24.27 26.44 -7.80
N ILE B 344 24.38 25.70 -6.71
CA ILE B 344 24.42 26.33 -5.40
C ILE B 344 25.85 26.75 -5.03
N PRO B 345 26.09 28.09 -4.84
CA PRO B 345 27.47 28.56 -4.48
C PRO B 345 27.94 27.91 -3.19
N GLY B 346 29.18 27.41 -3.20
CA GLY B 346 29.80 26.77 -2.06
C GLY B 346 29.60 25.25 -1.98
N ALA B 347 28.87 24.65 -2.91
CA ALA B 347 28.59 23.21 -2.86
C ALA B 347 29.85 22.45 -3.24
N ARG B 348 30.18 21.42 -2.51
CA ARG B 348 31.33 20.57 -2.86
C ARG B 348 30.88 19.13 -2.87
N PHE B 349 31.47 18.34 -3.75
CA PHE B 349 31.07 16.97 -3.98
C PHE B 349 32.18 16.03 -3.62
N PHE B 350 31.83 14.89 -3.07
CA PHE B 350 32.77 13.85 -2.68
C PHE B 350 32.11 12.50 -2.92
N THR B 351 32.81 11.56 -3.54
CA THR B 351 32.32 10.18 -3.58
C THR B 351 32.84 9.45 -2.34
N HIS B 352 32.34 8.25 -2.08
CA HIS B 352 32.80 7.43 -0.98
C HIS B 352 34.28 6.99 -1.12
N GLU B 353 34.85 7.10 -2.29
CA GLU B 353 36.27 6.82 -2.51
C GLU B 353 37.15 8.01 -2.21
N GLU B 354 36.61 9.16 -1.91
CA GLU B 354 37.40 10.37 -1.86
C GLU B 354 37.51 10.98 -0.46
N ARG B 355 36.88 10.43 0.59
CA ARG B 355 37.04 10.98 1.94
C ARG B 355 37.44 9.88 2.89
N ASP B 356 38.63 9.94 3.49
CA ASP B 356 38.96 9.01 4.62
C ASP B 356 39.20 9.70 5.98
N ASP B 357 38.82 10.96 6.09
CA ASP B 357 38.95 11.73 7.29
C ASP B 357 37.76 11.47 8.22
N ARG B 358 37.80 12.09 9.38
CA ARG B 358 36.75 11.90 10.39
C ARG B 358 35.37 12.40 9.89
N GLY B 359 35.34 13.54 9.24
CA GLY B 359 34.10 14.07 8.70
C GLY B 359 33.45 13.18 7.64
N GLY B 360 34.25 12.34 6.98
CA GLY B 360 33.83 11.40 5.97
C GLY B 360 33.30 10.11 6.55
N HIS B 361 33.32 9.97 7.87
CA HIS B 361 32.81 8.78 8.48
C HIS B 361 31.28 8.60 8.23
N VAL B 362 30.50 9.68 8.22
CA VAL B 362 29.05 9.52 7.94
C VAL B 362 28.86 8.98 6.53
N LEU B 363 29.63 9.51 5.58
CA LEU B 363 29.54 9.08 4.20
C LEU B 363 29.79 7.57 4.11
N GLN B 364 30.80 7.08 4.80
CA GLN B 364 31.10 5.64 4.75
C GLN B 364 29.93 4.85 5.38
N ASP B 365 29.37 5.37 6.44
CA ASP B 365 28.24 4.73 7.08
C ASP B 365 26.99 4.73 6.16
N ARG B 366 26.63 5.87 5.58
CA ARG B 366 25.55 5.90 4.54
C ARG B 366 25.83 4.92 3.38
N HIS B 367 27.08 4.82 2.95
CA HIS B 367 27.45 3.88 1.89
C HIS B 367 27.17 2.45 2.26
N LYS B 368 27.33 2.07 3.54
CA LYS B 368 26.89 0.75 3.98
C LYS B 368 25.37 0.65 4.00
N ILE B 369 24.74 1.58 4.68
CA ILE B 369 23.28 1.54 4.88
C ILE B 369 22.56 1.53 3.52
N ASN B 370 23.00 2.36 2.59
CA ASN B 370 22.38 2.44 1.29
C ASN B 370 22.62 1.23 0.40
N ASN B 371 23.53 0.36 0.81
CA ASN B 371 23.78 -0.89 0.16
C ASN B 371 23.30 -2.10 0.95
N GLY B 372 22.42 -1.83 1.93
CA GLY B 372 21.80 -2.84 2.72
C GLY B 372 22.73 -3.56 3.67
N ILE B 373 23.78 -2.88 4.11
CA ILE B 373 24.73 -3.43 5.05
C ILE B 373 24.47 -2.76 6.39
N PRO B 374 23.93 -3.48 7.35
CA PRO B 374 23.50 -2.82 8.56
C PRO B 374 24.66 -2.41 9.44
N SER B 375 24.44 -1.42 10.29
CA SER B 375 25.49 -0.70 11.00
C SER B 375 24.94 -0.29 12.35
N LEU B 376 25.82 -0.05 13.32
CA LEU B 376 25.43 0.56 14.58
C LEU B 376 26.21 1.83 14.83
N ASP B 377 26.89 2.33 13.82
CA ASP B 377 27.78 3.55 13.99
C ASP B 377 26.98 4.74 14.48
N GLU B 378 25.73 4.83 14.04
CA GLU B 378 24.89 5.97 14.47
C GLU B 378 24.58 5.97 15.96
N LEU B 379 24.81 4.86 16.66
CA LEU B 379 24.75 4.92 18.13
C LEU B 379 25.68 5.98 18.71
N GLN B 380 26.74 6.32 18.01
CA GLN B 380 27.66 7.34 18.51
C GLN B 380 27.03 8.74 18.70
N LEU B 381 25.95 9.04 17.95
CA LEU B 381 25.14 10.22 18.23
C LEU B 381 24.82 10.43 19.71
N LEU B 382 24.58 9.37 20.43
CA LEU B 382 24.19 9.42 21.83
C LEU B 382 25.34 9.78 22.78
N ASP B 383 26.58 9.79 22.28
CA ASP B 383 27.70 10.29 23.05
C ASP B 383 27.86 11.80 22.96
N TRP B 384 26.99 12.50 22.23
CA TRP B 384 27.09 13.94 22.08
C TRP B 384 27.16 14.62 23.42
N VAL B 385 26.35 14.13 24.37
CA VAL B 385 26.29 14.61 25.75
C VAL B 385 26.21 13.43 26.70
N PRO B 386 26.46 13.67 28.01
CA PRO B 386 26.39 12.55 28.98
C PRO B 386 25.03 11.88 29.05
N ASN B 387 25.01 10.54 29.27
CA ASN B 387 23.74 9.78 29.47
C ASN B 387 22.73 10.06 28.31
N GLY B 388 23.30 10.15 27.12
CA GLY B 388 22.64 10.63 25.94
C GLY B 388 21.43 9.82 25.56
N GLY B 389 20.34 10.54 25.33
CA GLY B 389 19.12 9.97 24.81
C GLY B 389 18.65 10.78 23.61
N HIS B 390 17.76 10.22 22.81
CA HIS B 390 17.03 11.06 21.86
C HIS B 390 15.54 10.84 21.84
N ILE B 391 14.85 11.86 21.33
CA ILE B 391 13.46 11.73 20.91
C ILE B 391 13.34 12.17 19.45
N GLY B 392 12.42 11.53 18.75
CA GLY B 392 12.19 11.85 17.33
C GLY B 392 10.95 12.70 17.21
N PHE B 393 11.14 13.94 16.77
CA PHE B 393 10.02 14.75 16.32
C PHE B 393 10.09 14.68 14.78
N SER B 394 9.08 14.04 14.15
CA SER B 394 9.16 13.59 12.76
C SER B 394 7.99 14.15 11.85
N PRO B 395 7.92 15.47 11.64
CA PRO B 395 6.90 15.99 10.72
C PRO B 395 7.14 15.56 9.27
N VAL B 396 6.07 15.44 8.53
CA VAL B 396 6.14 15.29 7.09
C VAL B 396 6.23 16.67 6.40
N SER B 397 7.03 16.77 5.35
CA SER B 397 7.10 18.00 4.58
C SER B 397 6.93 17.66 3.12
N ALA B 398 6.18 18.54 2.43
CA ALA B 398 6.27 18.65 0.98
C ALA B 398 7.73 18.78 0.57
N PRO B 399 8.11 18.26 -0.60
CA PRO B 399 9.47 18.37 -1.07
C PRO B 399 9.65 19.73 -1.76
N ASP B 400 9.48 20.76 -0.94
CA ASP B 400 9.47 22.14 -1.33
C ASP B 400 10.40 22.89 -0.41
N GLY B 401 11.29 23.67 -0.97
CA GLY B 401 12.31 24.31 -0.20
C GLY B 401 11.82 25.33 0.81
N ARG B 402 10.82 26.10 0.42
CA ARG B 402 10.19 27.04 1.34
C ARG B 402 9.54 26.32 2.53
N GLU B 403 8.79 25.29 2.26
CA GLU B 403 8.19 24.52 3.36
C GLU B 403 9.27 23.88 4.26
N ALA B 404 10.34 23.38 3.68
CA ALA B 404 11.46 22.82 4.48
C ALA B 404 12.15 23.87 5.36
N MET B 405 12.43 25.03 4.80
CA MET B 405 12.94 26.18 5.58
C MET B 405 12.02 26.63 6.70
N LYS B 406 10.73 26.74 6.44
CA LYS B 406 9.80 27.08 7.48
C LYS B 406 9.81 26.10 8.61
N GLN B 407 9.82 24.80 8.31
CA GLN B 407 9.82 23.80 9.37
C GLN B 407 11.14 23.87 10.17
N PHE B 408 12.23 23.98 9.42
CA PHE B 408 13.57 24.12 10.04
C PHE B 408 13.58 25.31 10.98
N GLU B 409 13.10 26.45 10.52
CA GLU B 409 13.06 27.67 11.37
C GLU B 409 12.16 27.53 12.61
N MET B 410 10.94 26.99 12.44
CA MET B 410 10.04 26.76 13.54
C MET B 410 10.66 25.83 14.56
N VAL B 411 11.25 24.74 14.12
CA VAL B 411 11.88 23.80 15.06
C VAL B 411 13.17 24.41 15.73
N ARG B 412 14.03 25.00 14.94
CA ARG B 412 15.21 25.66 15.48
C ARG B 412 14.84 26.65 16.58
N ASN B 413 13.86 27.47 16.32
CA ASN B 413 13.47 28.44 17.32
C ASN B 413 13.00 27.89 18.66
N ARG B 414 12.19 26.83 18.66
CA ARG B 414 11.85 26.19 19.93
C ARG B 414 12.99 25.44 20.55
N ALA B 415 13.83 24.83 19.72
CA ALA B 415 15.02 24.14 20.19
C ALA B 415 15.93 25.10 21.01
N ASN B 416 16.16 26.29 20.47
CA ASN B 416 16.86 27.34 21.17
C ASN B 416 16.16 27.77 22.45
N GLU B 417 14.87 28.10 22.40
CA GLU B 417 14.11 28.43 23.61
C GLU B 417 14.28 27.40 24.74
N TYR B 418 14.28 26.11 24.41
CA TYR B 418 14.32 25.06 25.42
C TYR B 418 15.70 24.48 25.67
N ASN B 419 16.67 25.08 25.05
CA ASN B 419 18.06 24.67 25.14
C ASN B 419 18.45 23.26 24.67
N LYS B 420 18.00 22.94 23.46
CA LYS B 420 18.29 21.61 22.96
C LYS B 420 18.86 21.81 21.59
N ASP B 421 19.84 20.96 21.26
CA ASP B 421 20.41 20.96 19.92
C ASP B 421 19.46 20.28 18.94
N TYR B 422 19.37 20.89 17.76
CA TYR B 422 18.45 20.41 16.73
C TYR B 422 19.31 19.78 15.62
N ALA B 423 19.35 18.46 15.69
CA ALA B 423 19.90 17.63 14.64
C ALA B 423 18.75 17.26 13.71
N ALA B 424 18.94 17.48 12.42
CA ALA B 424 17.91 17.35 11.37
C ALA B 424 18.36 16.31 10.38
N GLN B 425 17.44 15.43 9.99
CA GLN B 425 17.66 14.55 8.81
C GLN B 425 16.36 14.55 8.00
N PHE B 426 16.40 15.20 6.84
CA PHE B 426 15.32 15.06 5.81
C PHE B 426 15.55 13.76 5.04
N ILE B 427 14.53 12.89 5.03
CA ILE B 427 14.55 11.58 4.38
C ILE B 427 13.62 11.72 3.19
N ILE B 428 14.17 11.66 1.99
CA ILE B 428 13.51 12.21 0.84
C ILE B 428 12.84 11.15 0.00
N GLY B 429 11.50 11.10 0.04
CA GLY B 429 10.67 10.13 -0.70
C GLY B 429 10.49 10.71 -2.09
N LEU B 430 9.61 10.16 -2.91
CA LEU B 430 9.40 10.74 -4.26
C LEU B 430 8.70 12.07 -4.20
N ARG B 431 7.65 12.13 -3.39
CA ARG B 431 6.77 13.30 -3.32
C ARG B 431 6.58 13.87 -1.93
N GLU B 432 7.40 13.45 -0.97
CA GLU B 432 7.29 13.94 0.39
C GLU B 432 8.67 13.76 1.06
N MET B 433 8.90 14.48 2.17
CA MET B 433 10.05 14.23 3.04
C MET B 433 9.60 13.95 4.45
N HIS B 434 10.20 12.95 5.07
CA HIS B 434 10.10 12.77 6.51
C HIS B 434 11.23 13.68 7.05
N HIS B 435 10.86 14.75 7.74
CA HIS B 435 11.77 15.67 8.40
C HIS B 435 11.95 15.21 9.88
N VAL B 436 12.95 14.38 10.06
CA VAL B 436 13.23 13.84 11.36
C VAL B 436 14.08 14.84 12.15
N CYS B 437 13.57 15.26 13.32
CA CYS B 437 14.27 16.22 14.19
C CYS B 437 14.69 15.45 15.40
N LEU B 438 15.97 15.15 15.53
CA LEU B 438 16.44 14.33 16.65
C LEU B 438 16.95 15.31 17.71
N PHE B 439 16.46 15.17 18.92
CA PHE B 439 16.93 16.01 20.00
C PHE B 439 17.65 15.14 20.96
N ILE B 440 18.96 15.34 21.04
CA ILE B 440 19.86 14.59 21.89
C ILE B 440 20.00 15.32 23.24
N TYR B 441 19.86 14.58 24.34
CA TYR B 441 19.82 15.21 25.68
C TYR B 441 20.25 14.22 26.73
N ASP B 442 20.54 14.76 27.90
CA ASP B 442 21.05 14.00 29.04
C ASP B 442 19.90 13.40 29.79
N THR B 443 19.73 12.09 29.67
CA THR B 443 18.53 11.45 30.21
C THR B 443 18.50 11.41 31.73
N ALA B 444 19.66 11.60 32.37
CA ALA B 444 19.73 11.66 33.86
C ALA B 444 19.22 12.97 34.50
N ILE B 445 19.15 14.07 33.78
CA ILE B 445 18.75 15.34 34.40
C ILE B 445 17.22 15.46 34.28
N PRO B 446 16.44 15.46 35.42
CA PRO B 446 14.97 15.51 35.33
C PRO B 446 14.45 16.62 34.50
N GLU B 447 15.08 17.80 34.67
CA GLU B 447 14.68 19.04 33.98
C GLU B 447 14.96 19.00 32.46
N ALA B 448 16.02 18.32 32.04
CA ALA B 448 16.24 18.11 30.62
C ALA B 448 15.10 17.21 30.08
N ARG B 449 14.80 16.14 30.79
CA ARG B 449 13.72 15.25 30.41
C ARG B 449 12.39 15.98 30.26
N GLU B 450 12.13 16.89 31.18
CA GLU B 450 10.92 17.71 31.18
C GLU B 450 10.84 18.72 30.07
N GLU B 451 11.95 19.39 29.79
CA GLU B 451 12.02 20.35 28.72
C GLU B 451 11.84 19.68 27.37
N ILE B 452 12.32 18.44 27.27
CA ILE B 452 12.13 17.64 26.09
C ILE B 452 10.65 17.41 25.89
N LEU B 453 9.95 17.00 26.93
CA LEU B 453 8.54 16.71 26.83
C LEU B 453 7.78 17.97 26.47
N GLN B 454 8.07 19.06 27.16
CA GLN B 454 7.31 20.28 26.97
C GLN B 454 7.61 20.88 25.61
N MET B 455 8.90 20.94 25.26
CA MET B 455 9.30 21.43 23.95
C MET B 455 8.57 20.65 22.81
N THR B 456 8.57 19.33 22.89
CA THR B 456 8.02 18.53 21.79
C THR B 456 6.49 18.67 21.75
N LYS B 457 5.83 18.81 22.92
CA LYS B 457 4.38 19.14 22.95
C LYS B 457 4.06 20.46 22.23
N VAL B 458 4.90 21.46 22.49
CA VAL B 458 4.79 22.74 21.80
C VAL B 458 5.00 22.56 20.27
N LEU B 459 6.00 21.79 19.88
CA LEU B 459 6.31 21.63 18.46
C LEU B 459 5.15 20.90 17.74
N VAL B 460 4.54 19.90 18.39
CA VAL B 460 3.39 19.19 17.78
C VAL B 460 2.24 20.16 17.47
N ARG B 461 1.91 21.01 18.43
CA ARG B 461 0.78 21.92 18.29
C ARG B 461 1.07 23.02 17.25
N GLU B 462 2.26 23.60 17.33
CA GLU B 462 2.69 24.62 16.40
C GLU B 462 2.83 24.10 14.96
N ALA B 463 3.35 22.89 14.79
CA ALA B 463 3.44 22.27 13.47
C ALA B 463 2.04 22.07 12.90
N ALA B 464 1.13 21.58 13.71
CA ALA B 464 -0.24 21.41 13.31
C ALA B 464 -0.93 22.71 12.93
N GLU B 465 -0.73 23.76 13.72
CA GLU B 465 -1.28 25.10 13.38
C GLU B 465 -0.76 25.59 12.02
N ALA B 466 0.44 25.17 11.63
CA ALA B 466 1.00 25.46 10.32
C ALA B 466 0.63 24.51 9.21
N GLY B 467 -0.14 23.46 9.51
CA GLY B 467 -0.57 22.43 8.56
C GLY B 467 0.32 21.24 8.41
N TYR B 468 1.16 20.99 9.41
CA TYR B 468 2.09 19.87 9.31
C TYR B 468 1.80 18.85 10.39
N GLY B 469 1.81 17.58 10.01
CA GLY B 469 1.64 16.48 10.92
C GLY B 469 2.84 15.59 10.96
N GLU B 470 2.92 14.79 12.03
CA GLU B 470 4.03 13.84 12.23
C GLU B 470 3.67 12.45 11.63
N TYR B 471 4.68 11.75 11.14
CA TYR B 471 4.49 10.45 10.50
C TYR B 471 4.46 9.35 11.57
N ARG B 472 5.02 9.64 12.73
CA ARG B 472 5.37 8.67 13.76
C ARG B 472 5.71 9.47 15.00
N THR B 473 5.47 8.94 16.17
CA THR B 473 5.84 9.69 17.38
C THR B 473 6.01 8.82 18.60
N HIS B 474 6.52 9.48 19.63
CA HIS B 474 6.80 8.89 20.93
C HIS B 474 5.53 8.61 21.73
N ASN B 475 5.55 7.53 22.53
CA ASN B 475 4.46 7.30 23.51
C ASN B 475 3.88 8.53 24.18
N ALA B 476 4.77 9.42 24.55
CA ALA B 476 4.49 10.62 25.37
C ALA B 476 3.69 11.64 24.56
N LEU B 477 3.83 11.59 23.22
CA LEU B 477 3.13 12.49 22.32
C LEU B 477 1.97 11.87 21.49
N MET B 478 1.65 10.58 21.65
CA MET B 478 0.66 9.91 20.77
C MET B 478 -0.73 10.56 20.81
N ASP B 479 -1.24 10.81 22.02
CA ASP B 479 -2.48 11.60 22.17
C ASP B 479 -2.45 12.96 21.48
N ASP B 480 -1.38 13.76 21.69
CA ASP B 480 -1.21 15.07 21.13
C ASP B 480 -1.19 15.00 19.63
N VAL B 481 -0.47 14.02 19.08
CA VAL B 481 -0.35 13.88 17.63
C VAL B 481 -1.67 13.46 17.02
N MET B 482 -2.34 12.45 17.61
CA MET B 482 -3.62 12.02 17.07
C MET B 482 -4.64 13.18 17.11
N ALA B 483 -4.54 14.04 18.15
CA ALA B 483 -5.45 15.20 18.30
C ALA B 483 -5.33 16.18 17.17
N THR B 484 -4.18 16.25 16.53
CA THR B 484 -3.97 17.10 15.34
C THR B 484 -4.67 16.65 14.07
N PHE B 485 -4.91 15.34 13.93
CA PHE B 485 -5.52 14.75 12.72
C PHE B 485 -7.07 14.75 12.85
N ASN B 486 -7.62 15.93 13.14
CA ASN B 486 -8.98 16.06 13.65
C ASN B 486 -9.94 16.71 12.67
N TRP B 487 -9.56 16.70 11.40
CA TRP B 487 -10.51 17.04 10.35
C TRP B 487 -11.90 16.43 10.59
N GLY B 488 -12.92 17.24 10.32
CA GLY B 488 -14.32 16.78 10.43
C GLY B 488 -14.69 16.35 11.84
N ASP B 489 -14.19 17.11 12.80
CA ASP B 489 -14.50 16.91 14.19
C ASP B 489 -14.02 15.53 14.73
N GLY B 490 -12.81 15.16 14.37
CA GLY B 490 -12.21 13.98 14.88
C GLY B 490 -12.72 12.74 14.21
N ALA B 491 -13.10 12.86 12.91
CA ALA B 491 -13.69 11.73 12.19
C ALA B 491 -12.76 10.52 12.17
N LEU B 492 -11.47 10.76 11.96
CA LEU B 492 -10.50 9.64 11.83
C LEU B 492 -10.38 8.86 13.14
N LEU B 493 -10.20 9.58 14.23
CA LEU B 493 -10.12 8.97 15.55
C LEU B 493 -11.37 8.18 15.89
N LYS B 494 -12.53 8.74 15.61
CA LYS B 494 -13.79 8.04 15.87
C LYS B 494 -13.90 6.75 15.10
N PHE B 495 -13.46 6.76 13.83
CA PHE B 495 -13.46 5.55 13.02
C PHE B 495 -12.56 4.50 13.64
N HIS B 496 -11.38 4.91 14.06
CA HIS B 496 -10.44 3.98 14.63
C HIS B 496 -10.93 3.35 15.94
N GLU B 497 -11.62 4.15 16.73
CA GLU B 497 -12.20 3.70 18.01
C GLU B 497 -13.33 2.71 17.79
N LYS B 498 -14.09 2.93 16.70
CA LYS B 498 -15.17 2.04 16.38
C LYS B 498 -14.59 0.70 15.98
N ILE B 499 -13.53 0.71 15.20
CA ILE B 499 -12.95 -0.55 14.80
C ILE B 499 -12.32 -1.27 16.00
N LYS B 500 -11.60 -0.50 16.79
CA LYS B 500 -10.92 -0.99 17.99
C LYS B 500 -11.92 -1.68 18.94
N ASP B 501 -13.02 -1.00 19.24
CA ASP B 501 -14.01 -1.56 20.12
C ASP B 501 -14.63 -2.87 19.54
N ALA B 502 -14.79 -2.97 18.24
CA ALA B 502 -15.39 -4.14 17.65
C ALA B 502 -14.45 -5.33 17.67
N LEU B 503 -13.17 -5.10 17.40
CA LEU B 503 -12.20 -6.17 17.41
C LEU B 503 -11.69 -6.51 18.83
N ASP B 504 -11.82 -5.57 19.76
CA ASP B 504 -11.20 -5.69 21.08
C ASP B 504 -12.18 -5.20 22.09
N PRO B 505 -13.26 -5.95 22.28
CA PRO B 505 -14.27 -5.53 23.20
C PRO B 505 -13.81 -5.46 24.65
N ASN B 506 -12.78 -6.20 25.05
CA ASN B 506 -12.28 -6.12 26.43
C ASN B 506 -11.14 -5.12 26.61
N GLY B 507 -10.68 -4.51 25.52
CA GLY B 507 -9.68 -3.44 25.62
C GLY B 507 -8.32 -3.92 26.04
N ILE B 508 -7.91 -5.02 25.43
CA ILE B 508 -6.65 -5.69 25.75
C ILE B 508 -5.40 -5.21 25.01
N ILE B 509 -5.45 -4.94 23.71
CA ILE B 509 -4.18 -4.78 22.99
C ILE B 509 -3.72 -3.31 22.96
N ALA B 510 -2.46 -3.09 23.38
CA ALA B 510 -1.74 -1.78 23.45
C ALA B 510 -2.63 -0.56 23.48
N PRO B 511 -3.40 -0.44 24.56
CA PRO B 511 -4.27 0.69 24.65
C PRO B 511 -3.48 1.97 24.57
N GLY B 512 -4.01 2.89 23.76
CA GLY B 512 -3.45 4.22 23.59
C GLY B 512 -2.42 4.32 22.46
N LYS B 513 -2.04 3.19 21.86
CA LYS B 513 -1.16 3.25 20.67
C LYS B 513 -1.79 4.22 19.66
N SER B 514 -1.02 5.20 19.19
CA SER B 514 -1.47 6.18 18.20
C SER B 514 -2.69 7.02 18.72
N GLY B 515 -2.84 7.10 20.03
CA GLY B 515 -3.96 7.79 20.62
C GLY B 515 -5.27 7.11 20.57
N ILE B 516 -5.26 5.81 20.30
CA ILE B 516 -6.49 5.02 20.14
C ILE B 516 -6.71 4.19 21.40
N TRP B 517 -7.71 4.59 22.15
CA TRP B 517 -8.06 4.03 23.44
C TRP B 517 -9.38 3.27 23.30
N SER B 518 -9.38 2.05 23.79
CA SER B 518 -10.65 1.33 23.87
C SER B 518 -11.57 1.99 24.87
N GLN B 519 -12.84 1.59 24.77
CA GLN B 519 -13.97 2.14 25.52
C GLN B 519 -13.65 2.23 27.02
N ARG B 520 -13.12 1.19 27.63
CA ARG B 520 -12.90 1.18 29.10
C ARG B 520 -11.84 2.14 29.54
N PHE B 521 -11.03 2.69 28.62
CA PHE B 521 -10.00 3.65 29.00
C PHE B 521 -10.27 5.04 28.54
N ARG B 522 -11.35 5.26 27.77
CA ARG B 522 -11.54 6.60 27.19
C ARG B 522 -11.97 7.59 28.26
N GLY B 523 -11.57 8.85 28.10
CA GLY B 523 -11.93 9.91 29.02
C GLY B 523 -11.09 9.88 30.32
N GLN B 524 -10.01 9.13 30.37
CA GLN B 524 -9.21 9.06 31.55
C GLN B 524 -7.88 9.80 31.30
N ASN B 525 -7.12 10.01 32.37
CA ASN B 525 -5.81 10.62 32.30
C ASN B 525 -4.77 9.52 32.52
N LEU B 526 -4.37 8.91 31.40
CA LEU B 526 -3.41 7.83 31.32
C LEU B 526 -2.23 8.24 30.36
PA FAD C . -17.26 1.36 -11.23
O1A FAD C . -18.18 0.39 -11.90
O2A FAD C . -17.89 2.70 -10.99
O5B FAD C . -16.94 0.77 -9.79
C5B FAD C . -16.37 -0.52 -9.57
C4B FAD C . -16.71 -0.95 -8.14
O4B FAD C . -15.94 -0.15 -7.23
C3B FAD C . -18.12 -0.70 -7.68
O3B FAD C . -18.93 -1.79 -8.12
C2B FAD C . -18.04 -0.62 -6.20
O2B FAD C . -17.79 -1.94 -5.72
C1B FAD C . -16.77 0.15 -6.09
N9A FAD C . -16.99 1.60 -6.12
C8A FAD C . -16.89 2.39 -7.21
N7A FAD C . -17.10 3.66 -6.91
C5A FAD C . -17.27 3.67 -5.58
C6A FAD C . -17.53 4.73 -4.64
N6A FAD C . -17.62 5.99 -5.07
N1A FAD C . -17.65 4.36 -3.34
C2A FAD C . -17.55 3.08 -2.97
N3A FAD C . -17.35 2.05 -3.78
C4A FAD C . -17.16 2.33 -5.08
N1 FAD C . -10.27 -3.65 -15.72
C2 FAD C . -8.99 -3.26 -15.38
O2 FAD C . -8.74 -2.97 -14.18
N3 FAD C . -8.05 -3.19 -16.28
C4 FAD C . -8.25 -3.48 -17.58
O4 FAD C . -7.35 -3.43 -18.47
C4X FAD C . -9.58 -3.91 -18.01
N5 FAD C . -9.81 -4.28 -19.29
C5X FAD C . -11.11 -4.61 -19.61
C6 FAD C . -11.41 -5.00 -20.89
C7 FAD C . -12.71 -5.41 -21.29
C7M FAD C . -12.90 -5.76 -22.74
C8 FAD C . -13.80 -5.44 -20.33
C8M FAD C . -15.26 -5.93 -20.68
C9 FAD C . -13.47 -5.05 -19.02
C9A FAD C . -12.22 -4.68 -18.63
N10 FAD C . -11.92 -4.33 -17.29
C10 FAD C . -10.60 -3.99 -16.99
C1' FAD C . -12.95 -4.30 -16.24
C2' FAD C . -13.63 -2.91 -16.16
O2' FAD C . -13.96 -2.33 -17.41
C3' FAD C . -12.76 -1.74 -15.63
O3' FAD C . -12.09 -2.09 -14.42
C4' FAD C . -13.59 -0.46 -15.37
O4' FAD C . -12.68 0.64 -15.27
C5' FAD C . -14.36 -0.56 -14.03
O5' FAD C . -15.56 0.24 -14.02
P FAD C . -15.63 1.73 -13.45
O1P FAD C . -16.82 2.40 -14.01
O2P FAD C . -14.29 2.27 -13.58
O3P FAD C . -15.80 1.37 -11.91
C1 CIY D . -8.85 -7.05 -18.32
C2 CIY D . -10.15 -7.42 -17.90
C3 CIY D . -10.43 -7.61 -16.57
O3 CIY D . -11.66 -7.92 -16.06
C4 CIY D . -9.41 -7.38 -15.62
O4 CIY D . -9.65 -7.52 -14.28
C5 CIY D . -8.15 -6.96 -16.06
C6 CIY D . -7.87 -6.83 -17.37
C7 CIY D . -8.46 -6.93 -19.65
C8 CIY D . -9.06 -7.46 -20.70
C9 CIY D . -8.47 -7.43 -22.08
O9 CIY D . -8.91 -6.36 -22.95
C3M CIY D . -12.74 -8.30 -16.91
C1 GOL E . 12.38 -23.48 -12.70
O1 GOL E . 11.89 -23.84 -11.39
C2 GOL E . 12.30 -21.98 -12.96
O2 GOL E . 12.85 -21.25 -11.85
C3 GOL E . 13.06 -21.67 -14.22
O3 GOL E . 13.19 -20.25 -14.27
C1 GOL F . 8.46 -28.79 -17.58
O1 GOL F . 7.12 -28.49 -17.10
C2 GOL F . 8.40 -29.65 -18.81
O2 GOL F . 7.61 -30.76 -18.41
C3 GOL F . 9.79 -30.12 -19.15
O3 GOL F . 10.12 -31.05 -18.10
C1 GOL G . -0.46 4.20 -1.21
O1 GOL G . 0.85 3.71 -0.98
C2 GOL G . -1.38 3.01 -1.29
O2 GOL G . -1.02 2.04 -0.22
C3 GOL G . -2.79 3.57 -1.26
O3 GOL G . -3.21 4.24 -0.04
C1 GOL H . -24.91 -16.45 3.03
O1 GOL H . -24.56 -15.43 3.99
C2 GOL H . -25.72 -15.83 1.91
O2 GOL H . -26.04 -14.43 2.15
C3 GOL H . -24.96 -16.01 0.60
O3 GOL H . -25.83 -15.52 -0.43
PA FAD I . 9.79 -2.71 17.89
O1A FAD I . 10.20 -1.74 18.95
O2A FAD I . 9.78 -4.20 18.17
O5B FAD I . 8.28 -2.34 17.52
C5B FAD I . 7.90 -1.03 17.09
C4B FAD I . 6.41 -0.92 17.34
O4B FAD I . 5.69 -1.68 16.36
C3B FAD I . 5.94 -1.44 18.68
O3B FAD I . 6.03 -0.40 19.65
C2B FAD I . 4.52 -1.80 18.37
O2B FAD I . 3.77 -0.61 18.37
C1B FAD I . 4.56 -2.33 16.95
N9A FAD I . 4.87 -3.78 16.88
C8A FAD I . 6.09 -4.34 16.81
N7A FAD I . 6.05 -5.71 16.76
C5A FAD I . 4.73 -5.97 16.76
C6A FAD I . 3.97 -7.19 16.75
N6A FAD I . 4.66 -8.32 16.64
N1A FAD I . 2.63 -7.12 16.81
C2A FAD I . 2.00 -5.90 16.89
N3A FAD I . 2.66 -4.74 16.88
C4A FAD I . 3.98 -4.73 16.89
N1 FAD I . 13.80 4.30 12.44
C2 FAD I . 13.73 4.14 11.10
O2 FAD I . 12.67 3.66 10.69
N3 FAD I . 14.73 4.51 10.27
C4 FAD I . 15.90 4.97 10.68
O4 FAD I . 16.79 5.27 9.89
C4X FAD I . 16.06 5.17 12.12
N5 FAD I . 17.20 5.68 12.62
C5X FAD I . 17.39 5.85 13.98
C6 FAD I . 18.58 6.42 14.46
C7 FAD I . 18.76 6.62 15.84
C7M FAD I . 20.08 7.19 16.36
C8 FAD I . 17.68 6.25 16.80
C8M FAD I . 17.82 6.43 18.36
C9 FAD I . 16.52 5.69 16.30
C9A FAD I . 16.30 5.48 14.93
N10 FAD I . 15.08 4.94 14.40
C10 FAD I . 14.94 4.80 12.99
C1' FAD I . 13.94 4.52 15.25
C2' FAD I . 14.02 3.02 15.71
O2' FAD I . 15.26 2.67 16.32
C3' FAD I . 13.82 1.98 14.61
O3' FAD I . 12.66 2.31 13.82
C4' FAD I . 13.72 0.54 15.12
O4' FAD I . 14.03 -0.33 14.01
C5' FAD I . 12.37 0.17 15.72
O5' FAD I . 12.56 -0.85 16.67
P FAD I . 12.18 -2.40 16.39
O1P FAD I . 12.82 -3.17 17.51
O2P FAD I . 12.67 -2.61 15.01
O3P FAD I . 10.58 -2.39 16.47
C1 CIY J . 15.76 8.38 11.96
C2 CIY J . 15.24 8.39 13.25
C3 CIY J . 13.85 8.22 13.41
O3 CIY J . 13.18 8.23 14.56
C4 CIY J . 13.02 8.04 12.30
O4 CIY J . 11.70 7.93 12.55
C5 CIY J . 13.56 8.00 11.03
C6 CIY J . 14.93 8.18 10.88
C7 CIY J . 17.14 8.54 11.68
C8 CIY J . 17.96 9.39 12.34
C9 CIY J . 19.47 9.64 12.05
O9 CIY J . 20.33 8.50 12.31
C3M CIY J . 13.86 8.26 15.83
C1 GOL K . -1.12 -19.93 3.02
O1 GOL K . -1.44 -19.45 4.34
C2 GOL K . -0.15 -21.13 3.06
O2 GOL K . 0.13 -21.54 1.70
C3 GOL K . -0.68 -22.32 3.90
O3 GOL K . -2.10 -22.52 3.83
C1 GOL L . 2.31 -3.56 0.88
O1 GOL L . 1.76 -3.44 -0.45
C2 GOL L . 1.45 -2.82 1.85
O2 GOL L . 0.48 -3.80 2.34
C3 GOL L . 0.96 -1.51 1.16
O3 GOL L . -0.12 -1.66 0.23
#